data_2ZAT
#
_entry.id   2ZAT
#
_cell.length_a   109.612
_cell.length_b   109.612
_cell.length_c   94.308
_cell.angle_alpha   90.00
_cell.angle_beta   90.00
_cell.angle_gamma   90.00
#
_symmetry.space_group_name_H-M   'P 42'
#
loop_
_entity.id
_entity.type
_entity.pdbx_description
1 polymer 'Dehydrogenase/reductase SDR family member 4'
2 non-polymer 'NADP NICOTINAMIDE-ADENINE-DINUCLEOTIDE PHOSPHATE'
3 water water
#
_entity_poly.entity_id   1
_entity_poly.type   'polypeptide(L)'
_entity_poly.pdbx_seq_one_letter_code
;MASTGVERRKPLENKVALVTASTDGIGLAIARRLAQDGAHVVVSSRKQENVDRTVATLQGEGLSVTGTVCHVGKAEDRER
LVAMAVNLHGGVDILVSNAAVNPFFGNIIDATEEVWDKILHVNVKATVLMTKAVVPEMEKRGGGSVLIVSSVGAYHPFPN
LGPYNVSKTALLGLTKNLAVELAPRNIRVNCLAPGLIKTNFSQVLWMDKARKEYMKESLRIRRLGNPEDCAGIVSFLCSE
DASYITGETVVVGGGTASRL
;
_entity_poly.pdbx_strand_id   A,B,C,D
#
# COMPACT_ATOMS: atom_id res chain seq x y z
N LYS A 10 -17.34 16.78 -26.22
CA LYS A 10 -16.30 17.53 -25.49
C LYS A 10 -16.63 17.53 -24.01
N PRO A 11 -16.05 16.57 -23.29
CA PRO A 11 -16.32 16.42 -21.85
C PRO A 11 -15.92 17.61 -20.95
N LEU A 12 -15.02 18.47 -21.42
CA LEU A 12 -14.60 19.62 -20.63
C LEU A 12 -15.05 20.92 -21.27
N GLU A 13 -16.12 20.87 -22.06
CA GLU A 13 -16.61 22.08 -22.73
C GLU A 13 -16.89 23.19 -21.71
N ASN A 14 -16.34 24.37 -22.01
CA ASN A 14 -16.57 25.58 -21.23
C ASN A 14 -15.77 25.61 -19.91
N LYS A 15 -14.98 24.58 -19.65
CA LYS A 15 -14.19 24.57 -18.41
C LYS A 15 -12.89 25.33 -18.62
N VAL A 16 -12.36 25.89 -17.53
CA VAL A 16 -11.13 26.63 -17.56
C VAL A 16 -10.09 25.87 -16.72
N ALA A 17 -8.95 25.57 -17.34
CA ALA A 17 -7.89 24.80 -16.71
C ALA A 17 -6.58 25.55 -16.70
N LEU A 18 -5.86 25.46 -15.59
CA LEU A 18 -4.46 25.83 -15.47
C LEU A 18 -3.63 24.57 -15.45
N VAL A 19 -2.55 24.50 -16.22
CA VAL A 19 -1.61 23.38 -16.16
C VAL A 19 -0.26 24.01 -15.93
N THR A 20 0.34 23.81 -14.78
CA THR A 20 1.67 24.34 -14.58
C THR A 20 2.70 23.52 -15.32
N ALA A 21 3.85 24.11 -15.60
CA ALA A 21 4.94 23.43 -16.24
C ALA A 21 4.50 22.69 -17.49
N SER A 22 3.88 23.43 -18.40
CA SER A 22 3.16 22.84 -19.50
C SER A 22 3.68 23.23 -20.87
N THR A 23 4.97 23.50 -20.95
CA THR A 23 5.58 23.88 -22.23
C THR A 23 6.45 22.77 -22.83
N ASP A 24 6.46 21.60 -22.19
CA ASP A 24 7.12 20.43 -22.73
C ASP A 24 6.59 19.18 -22.01
N GLY A 25 6.89 18.02 -22.56
CA GLY A 25 6.69 16.77 -21.83
C GLY A 25 5.26 16.48 -21.47
N ILE A 26 5.09 15.92 -20.28
CA ILE A 26 3.80 15.48 -19.80
C ILE A 26 2.86 16.67 -19.61
N GLY A 27 3.35 17.81 -19.11
CA GLY A 27 2.47 18.96 -18.91
C GLY A 27 1.90 19.45 -20.23
N LEU A 28 2.73 19.50 -21.27
CA LEU A 28 2.26 19.87 -22.61
C LEU A 28 1.22 18.89 -23.15
N ALA A 29 1.46 17.57 -22.99
CA ALA A 29 0.50 16.59 -23.47
C ALA A 29 -0.83 16.74 -22.74
N ILE A 30 -0.77 16.99 -21.44
CA ILE A 30 -1.98 17.22 -20.65
C ILE A 30 -2.72 18.47 -21.15
N ALA A 31 -2.00 19.57 -21.33
CA ALA A 31 -2.62 20.81 -21.78
C ALA A 31 -3.28 20.64 -23.13
N ARG A 32 -2.59 19.98 -24.05
CA ARG A 32 -3.13 19.67 -25.36
C ARG A 32 -4.44 18.88 -25.25
N ARG A 33 -4.43 17.80 -24.47
CA ARG A 33 -5.62 16.97 -24.39
C ARG A 33 -6.79 17.69 -23.71
N LEU A 34 -6.54 18.44 -22.64
CA LEU A 34 -7.62 19.16 -21.98
C LEU A 34 -8.30 20.09 -23.00
N ALA A 35 -7.48 20.77 -23.80
CA ALA A 35 -7.99 21.71 -24.80
C ALA A 35 -8.70 20.98 -25.91
N GLN A 36 -8.18 19.83 -26.37
CA GLN A 36 -8.92 19.02 -27.34
C GLN A 36 -10.27 18.58 -26.82
N ASP A 37 -10.36 18.37 -25.51
CA ASP A 37 -11.58 17.95 -24.85
C ASP A 37 -12.51 19.10 -24.47
N GLY A 38 -12.15 20.30 -24.92
CA GLY A 38 -13.04 21.46 -24.86
C GLY A 38 -12.68 22.53 -23.88
N ALA A 39 -11.66 22.33 -23.05
CA ALA A 39 -11.31 23.30 -22.06
C ALA A 39 -10.57 24.50 -22.66
N HIS A 40 -10.74 25.64 -22.00
CA HIS A 40 -9.89 26.80 -22.19
C HIS A 40 -8.71 26.57 -21.24
N VAL A 41 -7.51 26.53 -21.79
CA VAL A 41 -6.32 26.16 -21.02
C VAL A 41 -5.38 27.34 -20.98
N VAL A 42 -4.83 27.63 -19.81
CA VAL A 42 -3.72 28.56 -19.68
C VAL A 42 -2.48 27.74 -19.39
N VAL A 43 -1.52 27.78 -20.29
CA VAL A 43 -0.22 27.12 -20.12
C VAL A 43 0.79 28.09 -19.54
N SER A 44 1.82 27.55 -18.89
CA SER A 44 2.83 28.39 -18.27
C SER A 44 4.06 27.61 -17.97
N SER A 45 5.18 28.32 -17.90
CA SER A 45 6.43 27.82 -17.34
C SER A 45 7.36 28.99 -17.05
N ARG A 46 8.62 28.73 -16.76
CA ARG A 46 9.50 29.79 -16.32
C ARG A 46 9.96 30.73 -17.44
N LYS A 47 10.13 30.20 -18.65
CA LYS A 47 10.77 30.97 -19.73
C LYS A 47 9.75 31.43 -20.77
N GLN A 48 9.75 32.74 -21.04
CA GLN A 48 8.82 33.33 -21.98
C GLN A 48 8.89 32.69 -23.37
N GLU A 49 10.08 32.38 -23.85
CA GLU A 49 10.22 31.77 -25.15
C GLU A 49 9.54 30.40 -25.23
N ASN A 50 9.60 29.63 -24.13
CA ASN A 50 8.92 28.35 -24.10
C ASN A 50 7.39 28.46 -24.08
N VAL A 51 6.89 29.45 -23.34
CA VAL A 51 5.48 29.76 -23.32
C VAL A 51 4.99 30.19 -24.70
N ASP A 52 5.72 31.11 -25.32
CA ASP A 52 5.35 31.58 -26.65
C ASP A 52 5.27 30.47 -27.68
N ARG A 53 6.27 29.58 -27.69
CA ARG A 53 6.34 28.49 -28.62
C ARG A 53 5.13 27.55 -28.43
N THR A 54 4.88 27.20 -27.17
CA THR A 54 3.80 26.28 -26.84
C THR A 54 2.44 26.85 -27.21
N VAL A 55 2.22 28.11 -26.85
CA VAL A 55 0.97 28.77 -27.18
C VAL A 55 0.75 28.82 -28.71
N ALA A 56 1.80 29.18 -29.44
CA ALA A 56 1.72 29.18 -30.89
C ALA A 56 1.36 27.84 -31.47
N THR A 57 1.99 26.77 -30.98
CA THR A 57 1.70 25.44 -31.46
C THR A 57 0.25 25.04 -31.22
N LEU A 58 -0.20 25.22 -29.98
CA LEU A 58 -1.54 24.77 -29.63
C LEU A 58 -2.66 25.63 -30.26
N GLN A 59 -2.40 26.93 -30.36
CA GLN A 59 -3.30 27.81 -31.12
C GLN A 59 -3.40 27.40 -32.58
N GLY A 60 -2.26 27.03 -33.14
CA GLY A 60 -2.20 26.56 -34.53
C GLY A 60 -2.95 25.29 -34.79
N GLU A 61 -3.18 24.50 -33.74
CA GLU A 61 -4.00 23.31 -33.79
C GLU A 61 -5.48 23.62 -33.54
N GLY A 62 -5.83 24.89 -33.38
CA GLY A 62 -7.22 25.25 -33.22
C GLY A 62 -7.73 25.08 -31.81
N LEU A 63 -6.83 25.18 -30.85
CA LEU A 63 -7.19 24.97 -29.46
C LEU A 63 -7.30 26.32 -28.70
N SER A 64 -8.17 26.38 -27.70
CA SER A 64 -8.40 27.60 -26.95
C SER A 64 -7.37 27.66 -25.83
N VAL A 65 -6.23 28.21 -26.16
CA VAL A 65 -5.08 28.24 -25.30
C VAL A 65 -4.47 29.65 -25.23
N THR A 66 -4.09 30.08 -24.05
CA THR A 66 -3.26 31.25 -23.82
C THR A 66 -2.16 30.84 -22.88
N GLY A 67 -1.23 31.73 -22.64
CA GLY A 67 -0.13 31.43 -21.77
C GLY A 67 0.51 32.62 -21.12
N THR A 68 1.24 32.34 -20.05
CA THR A 68 2.00 33.35 -19.34
C THR A 68 3.17 32.69 -18.63
N VAL A 69 4.15 33.47 -18.23
CA VAL A 69 5.25 32.98 -17.41
C VAL A 69 4.74 32.76 -15.98
N CYS A 70 5.06 31.60 -15.42
CA CYS A 70 4.80 31.31 -14.02
C CYS A 70 5.84 30.34 -13.49
N HIS A 71 6.77 30.87 -12.70
CA HIS A 71 7.64 30.04 -11.88
C HIS A 71 6.86 29.68 -10.62
N VAL A 72 6.51 28.39 -10.46
CA VAL A 72 5.57 28.01 -9.41
C VAL A 72 6.10 28.25 -7.99
N GLY A 73 7.42 28.38 -7.85
CA GLY A 73 8.00 28.70 -6.57
C GLY A 73 7.84 30.14 -6.11
N LYS A 74 7.35 31.03 -6.98
CA LYS A 74 7.16 32.43 -6.65
C LYS A 74 5.70 32.77 -6.38
N ALA A 75 5.39 33.30 -5.20
CA ALA A 75 4.02 33.64 -4.83
C ALA A 75 3.36 34.59 -5.83
N GLU A 76 4.10 35.61 -6.27
CA GLU A 76 3.58 36.58 -7.23
C GLU A 76 3.18 35.93 -8.54
N ASP A 77 3.99 34.99 -9.01
CA ASP A 77 3.72 34.27 -10.24
C ASP A 77 2.46 33.41 -10.13
N ARG A 78 2.31 32.70 -9.02
CA ARG A 78 1.12 31.88 -8.81
C ARG A 78 -0.16 32.72 -8.81
N GLU A 79 -0.10 33.85 -8.12
CA GLU A 79 -1.26 34.72 -8.01
C GLU A 79 -1.64 35.30 -9.37
N ARG A 80 -0.63 35.66 -10.14
CA ARG A 80 -0.85 36.26 -11.44
C ARG A 80 -1.39 35.24 -12.44
N LEU A 81 -0.99 33.97 -12.32
CA LEU A 81 -1.51 32.93 -13.18
C LEU A 81 -3.00 32.75 -12.97
N VAL A 82 -3.40 32.65 -11.72
CA VAL A 82 -4.80 32.52 -11.41
C VAL A 82 -5.59 33.75 -11.90
N ALA A 83 -5.04 34.94 -11.65
CA ALA A 83 -5.71 36.18 -12.02
C ALA A 83 -5.89 36.25 -13.52
N MET A 84 -4.92 35.78 -14.28
CA MET A 84 -5.03 35.77 -15.72
C MET A 84 -6.20 34.93 -16.20
N ALA A 85 -6.36 33.73 -15.64
CA ALA A 85 -7.48 32.89 -16.02
C ALA A 85 -8.82 33.54 -15.64
N VAL A 86 -8.87 34.16 -14.46
CA VAL A 86 -10.08 34.83 -13.97
C VAL A 86 -10.42 36.02 -14.88
N ASN A 87 -9.41 36.75 -15.29
CA ASN A 87 -9.63 37.96 -16.11
C ASN A 87 -10.02 37.64 -17.54
N LEU A 88 -9.46 36.58 -18.11
CA LEU A 88 -9.80 36.20 -19.48
C LEU A 88 -11.12 35.47 -19.55
N HIS A 89 -11.29 34.50 -18.64
CA HIS A 89 -12.37 33.52 -18.76
C HIS A 89 -13.44 33.56 -17.68
N GLY A 90 -13.21 34.30 -16.60
CA GLY A 90 -14.21 34.50 -15.59
C GLY A 90 -14.12 33.54 -14.42
N GLY A 91 -13.18 32.60 -14.47
CA GLY A 91 -12.98 31.70 -13.33
C GLY A 91 -12.02 30.58 -13.62
N VAL A 92 -11.88 29.66 -12.67
CA VAL A 92 -11.00 28.49 -12.81
C VAL A 92 -11.76 27.25 -12.32
N ASP A 93 -11.75 26.19 -13.13
CA ASP A 93 -12.37 24.91 -12.79
C ASP A 93 -11.39 23.79 -12.48
N ILE A 94 -10.23 23.80 -13.13
CA ILE A 94 -9.29 22.69 -13.12
C ILE A 94 -7.89 23.23 -12.87
N LEU A 95 -7.14 22.58 -11.99
CA LEU A 95 -5.73 22.80 -11.81
C LEU A 95 -5.01 21.49 -12.00
N VAL A 96 -4.04 21.46 -12.88
CA VAL A 96 -3.07 20.37 -12.99
C VAL A 96 -1.73 20.93 -12.55
N SER A 97 -1.24 20.41 -11.42
CA SER A 97 0.03 20.83 -10.84
C SER A 97 1.08 19.83 -11.26
N ASN A 98 1.97 20.23 -12.15
CA ASN A 98 2.91 19.34 -12.82
C ASN A 98 4.37 19.74 -12.62
N ALA A 99 4.64 20.89 -12.03
CA ALA A 99 6.03 21.34 -11.96
C ALA A 99 6.84 20.54 -10.96
N ALA A 100 8.09 20.32 -11.30
CA ALA A 100 9.02 19.64 -10.40
C ALA A 100 10.43 20.08 -10.73
N VAL A 101 11.30 19.99 -9.73
CA VAL A 101 12.73 20.23 -9.93
C VAL A 101 13.51 19.04 -9.39
N ASN A 102 14.68 18.82 -9.96
CA ASN A 102 15.62 17.87 -9.38
C ASN A 102 17.07 18.24 -9.64
N PRO A 103 17.66 19.02 -8.75
CA PRO A 103 19.03 19.50 -8.95
C PRO A 103 20.10 18.52 -8.47
N PHE A 104 19.79 17.25 -8.34
CA PHE A 104 20.66 16.30 -7.64
C PHE A 104 20.64 14.95 -8.30
N PHE A 105 21.80 14.32 -8.41
CA PHE A 105 21.91 12.97 -8.93
C PHE A 105 23.05 12.28 -8.21
N GLY A 106 22.74 11.39 -7.27
CA GLY A 106 23.76 10.77 -6.44
C GLY A 106 23.08 10.07 -5.28
N ASN A 107 23.87 9.71 -4.29
CA ASN A 107 23.38 9.04 -3.09
C ASN A 107 22.69 10.06 -2.21
N ILE A 108 21.45 9.75 -1.79
CA ILE A 108 20.68 10.63 -1.00
C ILE A 108 21.37 11.22 0.23
N ILE A 109 22.27 10.44 0.83
CA ILE A 109 22.93 10.86 2.04
C ILE A 109 23.87 12.07 1.80
N ASP A 110 24.20 12.32 0.55
CA ASP A 110 25.13 13.43 0.22
C ASP A 110 24.45 14.74 -0.18
N ALA A 111 23.14 14.73 -0.35
CA ALA A 111 22.41 15.93 -0.65
C ALA A 111 22.45 16.90 0.51
N THR A 112 22.74 18.16 0.22
CA THR A 112 22.81 19.20 1.24
C THR A 112 21.45 19.76 1.57
N GLU A 113 21.41 20.53 2.65
CA GLU A 113 20.21 21.24 3.03
C GLU A 113 19.63 22.09 1.90
N GLU A 114 20.50 22.70 1.10
CA GLU A 114 20.06 23.56 0.03
C GLU A 114 19.34 22.75 -1.07
N VAL A 115 19.85 21.55 -1.36
CA VAL A 115 19.19 20.66 -2.32
C VAL A 115 17.80 20.30 -1.81
N TRP A 116 17.73 19.90 -0.56
CA TRP A 116 16.43 19.58 0.04
C TRP A 116 15.48 20.75 0.03
N ASP A 117 16.00 21.95 0.32
CA ASP A 117 15.13 23.12 0.34
C ASP A 117 14.55 23.41 -1.05
N LYS A 118 15.38 23.34 -2.09
CA LYS A 118 14.87 23.60 -3.45
C LYS A 118 13.80 22.56 -3.84
N ILE A 119 14.10 21.29 -3.61
CA ILE A 119 13.19 20.20 -3.99
C ILE A 119 11.89 20.30 -3.19
N LEU A 120 11.97 20.54 -1.89
CA LEU A 120 10.74 20.59 -1.10
C LEU A 120 9.92 21.84 -1.41
N HIS A 121 10.56 22.95 -1.72
CA HIS A 121 9.84 24.17 -2.04
C HIS A 121 9.08 24.06 -3.35
N VAL A 122 9.73 23.61 -4.41
CA VAL A 122 9.07 23.54 -5.71
C VAL A 122 8.14 22.34 -5.77
N ASN A 123 8.60 21.18 -5.30
CA ASN A 123 7.84 19.97 -5.56
C ASN A 123 6.68 19.80 -4.61
N VAL A 124 6.82 20.21 -3.36
CA VAL A 124 5.78 19.98 -2.36
C VAL A 124 5.06 21.27 -2.00
N LYS A 125 5.79 22.25 -1.46
CA LYS A 125 5.18 23.47 -0.99
C LYS A 125 4.46 24.21 -2.10
N ALA A 126 5.09 24.34 -3.26
CA ALA A 126 4.46 25.10 -4.33
C ALA A 126 3.18 24.43 -4.78
N THR A 127 3.10 23.09 -4.68
CA THR A 127 1.90 22.38 -5.04
C THR A 127 0.73 22.78 -4.17
N VAL A 128 0.96 22.76 -2.86
CA VAL A 128 -0.11 23.12 -1.95
C VAL A 128 -0.46 24.63 -2.06
N LEU A 129 0.54 25.48 -2.27
CA LEU A 129 0.30 26.92 -2.34
C LEU A 129 -0.39 27.29 -3.65
N MET A 130 -0.10 26.57 -4.73
CA MET A 130 -0.87 26.71 -5.96
C MET A 130 -2.31 26.27 -5.78
N THR A 131 -2.52 25.16 -5.06
CA THR A 131 -3.85 24.72 -4.75
C THR A 131 -4.61 25.77 -3.94
N LYS A 132 -3.97 26.32 -2.90
CA LYS A 132 -4.56 27.37 -2.10
C LYS A 132 -4.96 28.57 -2.96
N ALA A 133 -4.14 28.91 -3.95
CA ALA A 133 -4.46 30.01 -4.86
C ALA A 133 -5.71 29.77 -5.71
N VAL A 134 -5.97 28.53 -6.13
CA VAL A 134 -7.13 28.26 -6.98
C VAL A 134 -8.44 27.92 -6.25
N VAL A 135 -8.35 27.40 -5.03
CA VAL A 135 -9.51 26.93 -4.32
C VAL A 135 -10.63 27.98 -4.22
N PRO A 136 -10.34 29.22 -3.84
CA PRO A 136 -11.42 30.22 -3.78
C PRO A 136 -12.12 30.44 -5.12
N GLU A 137 -11.40 30.36 -6.23
CA GLU A 137 -12.03 30.46 -7.54
C GLU A 137 -12.88 29.24 -7.88
N MET A 138 -12.42 28.05 -7.53
CA MET A 138 -13.24 26.87 -7.71
C MET A 138 -14.52 26.88 -6.89
N GLU A 139 -14.42 27.35 -5.65
CA GLU A 139 -15.57 27.46 -4.76
C GLU A 139 -16.65 28.34 -5.40
N LYS A 140 -16.24 29.43 -6.05
CA LYS A 140 -17.19 30.32 -6.71
C LYS A 140 -17.90 29.64 -7.89
N ARG A 141 -17.25 28.66 -8.51
CA ARG A 141 -17.80 27.90 -9.64
C ARG A 141 -18.64 26.67 -9.23
N GLY A 142 -18.72 26.37 -7.94
CA GLY A 142 -19.52 25.26 -7.47
C GLY A 142 -18.74 23.97 -7.33
N GLY A 143 -17.44 24.06 -7.53
CA GLY A 143 -16.55 22.90 -7.42
C GLY A 143 -15.42 22.95 -8.40
N GLY A 144 -14.61 21.89 -8.41
CA GLY A 144 -13.50 21.83 -9.32
C GLY A 144 -12.70 20.54 -9.15
N SER A 145 -11.62 20.47 -9.89
CA SER A 145 -10.75 19.30 -9.92
C SER A 145 -9.32 19.74 -9.87
N VAL A 146 -8.53 19.13 -9.01
CA VAL A 146 -7.11 19.31 -8.89
C VAL A 146 -6.42 17.98 -9.18
N LEU A 147 -5.39 17.99 -9.98
CA LEU A 147 -4.63 16.78 -10.30
C LEU A 147 -3.18 17.11 -10.07
N ILE A 148 -2.54 16.33 -9.21
CA ILE A 148 -1.14 16.51 -8.83
C ILE A 148 -0.31 15.42 -9.52
N VAL A 149 0.81 15.78 -10.10
CA VAL A 149 1.67 14.83 -10.79
C VAL A 149 2.82 14.42 -9.86
N SER A 150 2.79 13.13 -9.47
CA SER A 150 3.85 12.56 -8.65
C SER A 150 4.70 11.65 -9.57
N SER A 151 4.96 10.42 -9.18
CA SER A 151 5.83 9.53 -9.92
C SER A 151 5.71 8.15 -9.30
N VAL A 152 5.92 7.11 -10.11
CA VAL A 152 6.01 5.76 -9.57
C VAL A 152 7.19 5.66 -8.58
N GLY A 153 8.22 6.47 -8.72
CA GLY A 153 9.31 6.55 -7.74
C GLY A 153 8.87 6.86 -6.32
N ALA A 154 7.65 7.40 -6.18
CA ALA A 154 7.05 7.59 -4.85
C ALA A 154 6.84 6.28 -4.11
N TYR A 155 6.59 5.22 -4.88
CA TYR A 155 6.33 3.87 -4.33
C TYR A 155 7.57 3.00 -4.37
N HIS A 156 8.32 3.10 -5.44
CA HIS A 156 9.51 2.24 -5.70
C HIS A 156 10.64 3.10 -6.22
N PRO A 157 11.54 3.51 -5.33
CA PRO A 157 12.48 4.59 -5.66
C PRO A 157 13.42 4.37 -6.87
N PHE A 158 13.55 5.40 -7.72
CA PHE A 158 14.53 5.42 -8.82
C PHE A 158 15.95 5.55 -8.26
N PRO A 159 16.93 4.84 -8.83
CA PRO A 159 18.29 4.88 -8.29
C PRO A 159 18.90 6.27 -8.51
N ASN A 160 19.63 6.80 -7.52
CA ASN A 160 20.28 8.11 -7.64
C ASN A 160 19.33 9.31 -7.59
N LEU A 161 18.06 9.04 -7.33
CA LEU A 161 17.02 10.08 -7.35
C LEU A 161 16.33 10.23 -5.99
N GLY A 162 17.04 9.91 -4.91
CA GLY A 162 16.44 9.88 -3.58
C GLY A 162 15.68 11.11 -3.15
N PRO A 163 16.28 12.28 -3.09
CA PRO A 163 15.54 13.46 -2.61
C PRO A 163 14.28 13.75 -3.44
N TYR A 164 14.41 13.64 -4.76
CA TYR A 164 13.27 13.78 -5.64
C TYR A 164 12.19 12.72 -5.31
N ASN A 165 12.61 11.46 -5.17
CA ASN A 165 11.68 10.37 -4.87
C ASN A 165 10.90 10.67 -3.56
N VAL A 166 11.60 11.13 -2.53
CA VAL A 166 10.97 11.49 -1.28
C VAL A 166 9.91 12.55 -1.44
N SER A 167 10.21 13.59 -2.23
CA SER A 167 9.25 14.64 -2.51
C SER A 167 8.00 14.08 -3.20
N LYS A 168 8.20 13.10 -4.06
CA LYS A 168 7.09 12.48 -4.80
C LYS A 168 6.23 11.62 -3.83
N THR A 169 6.84 10.93 -2.88
CA THR A 169 6.09 10.25 -1.84
C THR A 169 5.26 11.22 -1.03
N ALA A 170 5.84 12.35 -0.65
CA ALA A 170 5.12 13.37 0.06
C ALA A 170 3.82 13.79 -0.68
N LEU A 171 3.90 13.86 -2.00
CA LEU A 171 2.73 14.23 -2.80
C LEU A 171 1.61 13.21 -2.75
N LEU A 172 1.93 11.94 -2.51
CA LEU A 172 0.86 10.96 -2.31
C LEU A 172 0.06 11.33 -1.06
N GLY A 173 0.77 11.67 0.01
CA GLY A 173 0.17 12.13 1.22
C GLY A 173 -0.61 13.44 1.04
N LEU A 174 -0.02 14.36 0.33
CA LEU A 174 -0.68 15.65 0.09
C LEU A 174 -2.00 15.45 -0.65
N THR A 175 -2.01 14.60 -1.67
CA THR A 175 -3.25 14.27 -2.38
C THR A 175 -4.35 13.80 -1.44
N LYS A 176 -4.03 12.85 -0.57
CA LYS A 176 -5.02 12.33 0.35
C LYS A 176 -5.57 13.36 1.31
N ASN A 177 -4.69 14.17 1.87
CA ASN A 177 -5.11 15.20 2.83
C ASN A 177 -5.95 16.27 2.13
N LEU A 178 -5.54 16.70 0.96
CA LEU A 178 -6.33 17.69 0.23
C LEU A 178 -7.68 17.13 -0.17
N ALA A 179 -7.76 15.87 -0.58
CA ALA A 179 -9.03 15.30 -1.01
C ALA A 179 -10.05 15.28 0.11
N VAL A 180 -9.60 14.88 1.30
CA VAL A 180 -10.47 14.86 2.48
C VAL A 180 -10.98 16.25 2.80
N GLU A 181 -10.08 17.21 2.76
CA GLU A 181 -10.39 18.54 3.29
C GLU A 181 -11.12 19.43 2.33
N LEU A 182 -11.01 19.15 1.04
CA LEU A 182 -11.69 19.94 0.03
C LEU A 182 -12.99 19.33 -0.49
N ALA A 183 -13.29 18.10 -0.09
CA ALA A 183 -14.52 17.43 -0.46
C ALA A 183 -15.78 18.25 -0.11
N PRO A 184 -15.81 18.87 1.08
CA PRO A 184 -16.99 19.70 1.45
C PRO A 184 -17.28 20.86 0.51
N ARG A 185 -16.26 21.32 -0.20
CA ARG A 185 -16.35 22.37 -1.22
C ARG A 185 -16.55 21.83 -2.64
N ASN A 186 -16.79 20.52 -2.77
CA ASN A 186 -17.01 19.87 -4.06
C ASN A 186 -15.79 19.99 -4.98
N ILE A 187 -14.61 19.92 -4.38
CA ILE A 187 -13.36 19.95 -5.13
C ILE A 187 -12.73 18.58 -4.94
N ARG A 188 -12.47 17.91 -6.06
CA ARG A 188 -11.82 16.60 -6.08
C ARG A 188 -10.35 16.78 -6.27
N VAL A 189 -9.56 15.91 -5.67
CA VAL A 189 -8.11 15.98 -5.76
C VAL A 189 -7.57 14.57 -6.02
N ASN A 190 -6.89 14.38 -7.13
CA ASN A 190 -6.31 13.09 -7.48
C ASN A 190 -4.88 13.30 -7.93
N CYS A 191 -4.20 12.18 -8.21
CA CYS A 191 -2.77 12.21 -8.51
C CYS A 191 -2.46 11.26 -9.64
N LEU A 192 -1.58 11.69 -10.55
CA LEU A 192 -1.03 10.88 -11.63
C LEU A 192 0.39 10.52 -11.21
N ALA A 193 0.74 9.23 -11.26
CA ALA A 193 2.09 8.77 -10.96
C ALA A 193 2.66 8.08 -12.20
N PRO A 194 3.34 8.84 -13.07
CA PRO A 194 3.91 8.22 -14.27
C PRO A 194 5.08 7.30 -13.94
N GLY A 195 5.28 6.32 -14.79
CA GLY A 195 6.44 5.47 -14.76
C GLY A 195 7.55 6.11 -15.59
N LEU A 196 8.26 5.29 -16.34
CA LEU A 196 9.38 5.80 -17.13
C LEU A 196 8.80 6.32 -18.44
N ILE A 197 8.68 7.64 -18.54
CA ILE A 197 8.15 8.30 -19.72
C ILE A 197 9.29 9.02 -20.39
N LYS A 198 9.35 8.93 -21.71
CA LYS A 198 10.35 9.66 -22.49
C LYS A 198 10.08 11.15 -22.52
N THR A 199 10.87 11.89 -21.74
CA THR A 199 10.88 13.34 -21.72
C THR A 199 12.32 13.83 -21.54
N ASN A 200 12.50 15.15 -21.63
CA ASN A 200 13.80 15.76 -21.36
C ASN A 200 14.24 15.53 -19.91
N PHE A 201 13.28 15.63 -18.99
CA PHE A 201 13.54 15.49 -17.56
C PHE A 201 14.10 14.11 -17.20
N SER A 202 13.66 13.09 -17.93
CA SER A 202 14.02 11.70 -17.62
C SER A 202 15.15 11.14 -18.47
N GLN A 203 15.69 11.97 -19.35
CA GLN A 203 16.66 11.55 -20.38
C GLN A 203 17.86 10.73 -19.87
N VAL A 204 18.37 11.04 -18.68
CA VAL A 204 19.54 10.35 -18.12
C VAL A 204 19.30 8.86 -17.97
N LEU A 205 18.04 8.51 -17.76
CA LEU A 205 17.65 7.14 -17.43
C LEU A 205 17.55 6.24 -18.64
N TRP A 206 17.12 6.80 -19.77
CA TRP A 206 16.84 5.99 -20.98
C TRP A 206 17.66 6.42 -22.21
N MET A 207 18.62 7.31 -21.97
CA MET A 207 19.51 7.87 -23.00
C MET A 207 20.25 6.84 -23.85
N ASP A 208 21.17 6.14 -23.24
CA ASP A 208 22.05 5.22 -23.96
C ASP A 208 21.31 3.92 -24.12
N LYS A 209 21.54 3.24 -25.25
CA LYS A 209 20.87 1.98 -25.56
C LYS A 209 21.02 0.94 -24.45
N ALA A 210 22.23 0.83 -23.90
CA ALA A 210 22.50 -0.11 -22.80
C ALA A 210 21.74 0.25 -21.52
N ARG A 211 21.66 1.53 -21.20
CA ARG A 211 20.93 1.98 -20.00
C ARG A 211 19.41 1.84 -20.18
N LYS A 212 18.94 1.92 -21.42
CA LYS A 212 17.51 1.79 -21.75
C LYS A 212 17.07 0.33 -21.62
N GLU A 213 17.90 -0.58 -22.10
CA GLU A 213 17.59 -2.01 -22.04
C GLU A 213 17.67 -2.51 -20.60
N TYR A 214 18.56 -1.92 -19.81
CA TYR A 214 18.68 -2.24 -18.40
C TYR A 214 17.47 -1.71 -17.63
N MET A 215 16.96 -0.55 -18.02
CA MET A 215 15.81 0.07 -17.34
C MET A 215 14.55 -0.75 -17.63
N LYS A 216 14.42 -1.25 -18.85
CA LYS A 216 13.23 -1.99 -19.26
C LYS A 216 13.17 -3.34 -18.57
N GLU A 217 14.34 -3.99 -18.45
CA GLU A 217 14.45 -5.28 -17.76
C GLU A 217 14.23 -5.12 -16.27
N SER A 218 14.80 -4.07 -15.68
CA SER A 218 14.68 -3.80 -14.25
C SER A 218 13.26 -3.36 -13.87
N LEU A 219 12.65 -2.53 -14.71
CA LEU A 219 11.29 -2.07 -14.49
C LEU A 219 10.23 -3.07 -14.95
N ARG A 220 10.62 -4.08 -15.73
CA ARG A 220 9.72 -5.10 -16.28
C ARG A 220 8.63 -4.51 -17.17
N ILE A 221 9.07 -3.67 -18.11
CA ILE A 221 8.19 -3.04 -19.06
C ILE A 221 8.56 -3.47 -20.47
N ARG A 222 7.58 -3.42 -21.36
CA ARG A 222 7.77 -3.78 -22.78
C ARG A 222 8.19 -2.60 -23.64
N ARG A 223 7.83 -1.39 -23.21
CA ARG A 223 8.19 -0.17 -23.91
C ARG A 223 8.24 0.98 -22.92
N LEU A 224 8.93 2.03 -23.29
CA LEU A 224 8.92 3.29 -22.53
C LEU A 224 7.60 3.97 -22.83
N GLY A 225 7.14 4.76 -21.88
CA GLY A 225 5.95 5.53 -22.12
C GLY A 225 6.24 6.82 -22.90
N ASN A 226 5.20 7.38 -23.46
CA ASN A 226 5.25 8.68 -24.10
C ASN A 226 4.38 9.64 -23.32
N PRO A 227 4.62 10.94 -23.38
CA PRO A 227 3.78 11.89 -22.65
C PRO A 227 2.26 11.73 -22.88
N GLU A 228 1.84 11.43 -24.11
CA GLU A 228 0.42 11.29 -24.39
C GLU A 228 -0.23 10.11 -23.67
N ASP A 229 0.58 9.12 -23.26
CA ASP A 229 0.07 7.99 -22.50
C ASP A 229 -0.49 8.41 -21.16
N CYS A 230 -0.17 9.60 -20.70
CA CYS A 230 -0.66 10.13 -19.42
C CYS A 230 -1.85 11.06 -19.56
N ALA A 231 -2.11 11.50 -20.77
CA ALA A 231 -3.07 12.59 -20.96
C ALA A 231 -4.52 12.20 -20.78
N GLY A 232 -4.90 11.01 -21.26
CA GLY A 232 -6.26 10.56 -21.21
C GLY A 232 -6.78 10.41 -19.81
N ILE A 233 -5.98 9.82 -18.92
CA ILE A 233 -6.46 9.63 -17.55
C ILE A 233 -6.63 10.99 -16.86
N VAL A 234 -5.73 11.94 -17.12
CA VAL A 234 -5.86 13.24 -16.51
C VAL A 234 -7.13 13.92 -16.99
N SER A 235 -7.38 13.91 -18.29
CA SER A 235 -8.61 14.50 -18.79
C SER A 235 -9.85 13.86 -18.17
N PHE A 236 -9.84 12.54 -18.07
CA PHE A 236 -10.97 11.81 -17.51
C PHE A 236 -11.19 12.24 -16.06
N LEU A 237 -10.13 12.28 -15.28
CA LEU A 237 -10.22 12.62 -13.85
C LEU A 237 -10.67 14.03 -13.62
N CYS A 238 -10.40 14.90 -14.59
CA CYS A 238 -10.78 16.30 -14.46
C CYS A 238 -12.21 16.53 -14.90
N SER A 239 -12.87 15.50 -15.43
CA SER A 239 -14.24 15.58 -15.95
C SER A 239 -15.31 15.22 -14.91
N GLU A 240 -16.53 15.68 -15.12
CA GLU A 240 -17.63 15.37 -14.21
C GLU A 240 -17.98 13.87 -14.20
N ASP A 241 -17.56 13.12 -15.20
CA ASP A 241 -17.74 11.68 -15.23
C ASP A 241 -16.92 10.91 -14.16
N ALA A 242 -15.95 11.61 -13.59
CA ALA A 242 -15.18 11.10 -12.47
C ALA A 242 -15.59 11.70 -11.13
N SER A 243 -16.86 12.10 -11.03
CA SER A 243 -17.32 12.80 -9.83
C SER A 243 -17.27 12.01 -8.53
N TYR A 244 -17.15 10.70 -8.57
CA TYR A 244 -17.05 9.88 -7.35
C TYR A 244 -15.62 9.39 -7.16
N ILE A 245 -14.68 10.00 -7.87
CA ILE A 245 -13.26 9.62 -7.76
C ILE A 245 -12.49 10.79 -7.16
N THR A 246 -12.03 10.61 -5.93
CA THR A 246 -11.19 11.60 -5.28
C THR A 246 -10.24 10.90 -4.33
N GLY A 247 -9.10 11.52 -4.09
CA GLY A 247 -8.11 10.95 -3.19
C GLY A 247 -7.35 9.83 -3.83
N GLU A 248 -7.42 9.68 -5.14
CA GLU A 248 -6.84 8.51 -5.82
C GLU A 248 -5.57 8.86 -6.56
N THR A 249 -4.62 7.94 -6.53
CA THR A 249 -3.43 8.02 -7.37
C THR A 249 -3.54 6.96 -8.44
N VAL A 250 -3.33 7.31 -9.68
CA VAL A 250 -3.32 6.38 -10.78
C VAL A 250 -1.92 6.31 -11.34
N VAL A 251 -1.35 5.11 -11.37
CA VAL A 251 -0.04 4.87 -11.94
C VAL A 251 -0.20 4.57 -13.42
N VAL A 252 0.61 5.26 -14.22
CA VAL A 252 0.66 5.08 -15.67
C VAL A 252 2.08 4.64 -15.97
N GLY A 253 2.29 3.34 -15.84
CA GLY A 253 3.66 2.79 -15.84
C GLY A 253 3.88 1.56 -16.67
N GLY A 254 2.92 1.16 -17.48
CA GLY A 254 3.17 0.10 -18.45
C GLY A 254 3.47 -1.22 -17.80
N GLY A 255 3.05 -1.38 -16.55
CA GLY A 255 3.21 -2.63 -15.82
C GLY A 255 4.36 -2.62 -14.84
N THR A 256 5.10 -1.53 -14.76
CA THR A 256 6.14 -1.45 -13.74
C THR A 256 5.49 -1.50 -12.36
N ALA A 257 6.23 -2.03 -11.41
CA ALA A 257 5.70 -2.26 -10.07
C ALA A 257 5.33 -0.95 -9.40
N SER A 258 4.31 -0.99 -8.57
CA SER A 258 3.92 0.17 -7.76
C SER A 258 3.42 -0.32 -6.41
N ARG A 259 2.13 -0.64 -6.33
CA ARG A 259 1.53 -1.08 -5.08
C ARG A 259 0.20 -1.80 -5.34
N LEU A 260 -0.26 -2.56 -4.37
CA LEU A 260 -1.58 -3.19 -4.46
C LEU A 260 -2.73 -2.18 -4.50
N LYS B 10 21.60 -9.97 26.69
CA LYS B 10 21.30 -8.53 26.41
C LYS B 10 21.60 -8.26 24.93
N PRO B 11 20.53 -8.13 24.13
CA PRO B 11 20.66 -8.06 22.66
C PRO B 11 21.43 -6.87 22.14
N LEU B 12 21.55 -5.78 22.90
CA LEU B 12 22.28 -4.61 22.45
C LEU B 12 23.55 -4.36 23.28
N GLU B 13 24.09 -5.41 23.89
CA GLU B 13 25.29 -5.26 24.71
C GLU B 13 26.43 -4.65 23.91
N ASN B 14 27.11 -3.67 24.49
CA ASN B 14 28.28 -2.98 23.90
C ASN B 14 27.91 -2.06 22.70
N LYS B 15 26.63 -1.85 22.44
CA LYS B 15 26.22 -0.96 21.36
C LYS B 15 26.00 0.43 21.90
N VAL B 16 26.17 1.41 21.03
CA VAL B 16 26.00 2.81 21.37
C VAL B 16 24.85 3.38 20.53
N ALA B 17 23.86 3.94 21.21
CA ALA B 17 22.64 4.46 20.58
C ALA B 17 22.47 5.93 20.86
N LEU B 18 22.09 6.68 19.84
CA LEU B 18 21.57 8.03 19.96
C LEU B 18 20.07 7.98 19.79
N VAL B 19 19.31 8.64 20.64
CA VAL B 19 17.87 8.78 20.48
C VAL B 19 17.55 10.26 20.56
N THR B 20 17.08 10.85 19.48
CA THR B 20 16.74 12.26 19.53
C THR B 20 15.40 12.44 20.21
N ALA B 21 15.14 13.63 20.74
CA ALA B 21 13.86 13.91 21.35
C ALA B 21 13.43 12.87 22.36
N SER B 22 14.32 12.59 23.31
CA SER B 22 14.17 11.42 24.18
C SER B 22 14.05 11.77 25.65
N THR B 23 13.46 12.92 25.93
CA THR B 23 13.28 13.31 27.34
C THR B 23 11.82 13.22 27.78
N ASP B 24 10.95 12.68 26.92
CA ASP B 24 9.58 12.41 27.28
C ASP B 24 8.98 11.45 26.26
N GLY B 25 7.84 10.88 26.61
CA GLY B 25 7.02 10.14 25.65
C GLY B 25 7.73 8.95 25.02
N ILE B 26 7.47 8.77 23.73
CA ILE B 26 7.97 7.62 23.00
C ILE B 26 9.51 7.59 23.00
N GLY B 27 10.15 8.73 22.78
CA GLY B 27 11.59 8.80 22.74
C GLY B 27 12.23 8.34 24.05
N LEU B 28 11.66 8.76 25.16
CA LEU B 28 12.12 8.30 26.47
C LEU B 28 11.90 6.81 26.67
N ALA B 29 10.73 6.31 26.29
CA ALA B 29 10.50 4.86 26.43
C ALA B 29 11.50 4.06 25.60
N ILE B 30 11.80 4.55 24.40
CA ILE B 30 12.77 3.90 23.54
C ILE B 30 14.15 3.92 24.18
N ALA B 31 14.57 5.08 24.66
CA ALA B 31 15.90 5.22 25.27
C ALA B 31 16.03 4.29 26.46
N ARG B 32 15.01 4.26 27.31
CA ARG B 32 15.04 3.40 28.48
C ARG B 32 15.18 1.94 28.07
N ARG B 33 14.39 1.50 27.09
CA ARG B 33 14.45 0.10 26.68
C ARG B 33 15.79 -0.27 26.04
N LEU B 34 16.33 0.60 25.18
CA LEU B 34 17.62 0.29 24.57
C LEU B 34 18.67 0.09 25.66
N ALA B 35 18.61 0.95 26.65
CA ALA B 35 19.60 0.88 27.75
C ALA B 35 19.35 -0.35 28.61
N GLN B 36 18.10 -0.69 28.86
CA GLN B 36 17.77 -1.94 29.56
C GLN B 36 18.27 -3.16 28.78
N ASP B 37 18.26 -3.09 27.45
CA ASP B 37 18.75 -4.17 26.61
C ASP B 37 20.25 -4.17 26.34
N GLY B 38 20.97 -3.28 27.02
CA GLY B 38 22.42 -3.34 27.05
C GLY B 38 23.14 -2.18 26.42
N ALA B 39 22.45 -1.30 25.71
CA ALA B 39 23.13 -0.21 25.03
C ALA B 39 23.59 0.92 25.96
N HIS B 40 24.65 1.57 25.54
CA HIS B 40 24.96 2.89 26.04
C HIS B 40 24.14 3.88 25.23
N VAL B 41 23.35 4.69 25.89
CA VAL B 41 22.42 5.60 25.23
C VAL B 41 22.77 7.03 25.55
N VAL B 42 22.76 7.86 24.53
CA VAL B 42 22.85 9.31 24.68
C VAL B 42 21.47 9.87 24.36
N VAL B 43 20.83 10.45 25.36
CA VAL B 43 19.54 11.13 25.23
C VAL B 43 19.74 12.60 24.95
N SER B 44 18.73 13.24 24.41
CA SER B 44 18.82 14.64 24.07
C SER B 44 17.46 15.24 23.78
N SER B 45 17.35 16.53 23.99
CA SER B 45 16.23 17.34 23.52
C SER B 45 16.62 18.82 23.58
N ARG B 46 15.67 19.72 23.37
CA ARG B 46 16.01 21.15 23.25
C ARG B 46 16.39 21.82 24.57
N LYS B 47 15.80 21.37 25.67
CA LYS B 47 15.86 22.07 26.96
C LYS B 47 16.74 21.34 27.96
N GLN B 48 17.73 22.07 28.46
CA GLN B 48 18.70 21.49 29.37
C GLN B 48 18.08 20.83 30.60
N GLU B 49 17.07 21.45 31.20
CA GLU B 49 16.39 20.91 32.36
C GLU B 49 15.76 19.55 32.08
N ASN B 50 15.18 19.40 30.89
CA ASN B 50 14.58 18.12 30.51
C ASN B 50 15.64 17.03 30.32
N VAL B 51 16.72 17.39 29.66
CA VAL B 51 17.86 16.49 29.53
C VAL B 51 18.40 16.09 30.90
N ASP B 52 18.60 17.08 31.77
CA ASP B 52 19.16 16.79 33.08
C ASP B 52 18.30 15.81 33.88
N ARG B 53 16.97 16.05 33.91
CA ARG B 53 16.02 15.24 34.64
C ARG B 53 16.02 13.82 34.09
N THR B 54 16.02 13.71 32.76
CA THR B 54 15.96 12.40 32.13
C THR B 54 17.21 11.58 32.40
N VAL B 55 18.38 12.21 32.24
CA VAL B 55 19.63 11.55 32.54
C VAL B 55 19.68 11.07 33.99
N ALA B 56 19.28 11.95 34.91
CA ALA B 56 19.30 11.57 36.31
C ALA B 56 18.39 10.36 36.60
N THR B 57 17.18 10.37 36.04
CA THR B 57 16.24 9.28 36.23
C THR B 57 16.82 7.96 35.72
N LEU B 58 17.33 7.98 34.50
CA LEU B 58 17.81 6.74 33.91
C LEU B 58 19.12 6.24 34.56
N GLN B 59 20.00 7.18 34.93
CA GLN B 59 21.17 6.82 35.70
C GLN B 59 20.79 6.19 37.05
N GLY B 60 19.71 6.71 37.64
CA GLY B 60 19.16 6.17 38.89
C GLY B 60 18.62 4.76 38.80
N GLU B 61 18.25 4.34 37.59
CA GLU B 61 17.82 2.97 37.32
C GLU B 61 18.98 2.03 37.00
N GLY B 62 20.20 2.52 37.12
CA GLY B 62 21.41 1.76 36.91
C GLY B 62 21.76 1.61 35.44
N LEU B 63 21.23 2.48 34.60
CA LEU B 63 21.46 2.38 33.16
C LEU B 63 22.64 3.22 32.70
N SER B 64 23.25 2.84 31.58
CA SER B 64 24.37 3.54 31.01
C SER B 64 23.85 4.60 30.05
N VAL B 65 23.61 5.78 30.57
CA VAL B 65 22.96 6.88 29.86
C VAL B 65 23.66 8.19 30.17
N THR B 66 23.92 8.98 29.15
CA THR B 66 24.32 10.36 29.28
C THR B 66 23.44 11.20 28.37
N GLY B 67 23.59 12.50 28.41
CA GLY B 67 22.77 13.36 27.63
C GLY B 67 23.32 14.73 27.38
N THR B 68 22.79 15.37 26.37
CA THR B 68 23.14 16.73 26.03
C THR B 68 21.98 17.39 25.33
N VAL B 69 21.96 18.71 25.29
CA VAL B 69 20.98 19.43 24.51
C VAL B 69 21.27 19.23 23.01
N CYS B 70 20.21 18.93 22.26
CA CYS B 70 20.29 18.89 20.81
C CYS B 70 18.95 19.23 20.25
N HIS B 71 18.85 20.42 19.68
CA HIS B 71 17.72 20.77 18.82
C HIS B 71 18.06 20.23 17.44
N VAL B 72 17.29 19.26 16.98
CA VAL B 72 17.64 18.56 15.75
C VAL B 72 17.71 19.44 14.52
N GLY B 73 17.04 20.58 14.54
CA GLY B 73 17.06 21.51 13.43
C GLY B 73 18.37 22.25 13.23
N LYS B 74 19.24 22.22 14.23
CA LYS B 74 20.51 22.97 14.21
C LYS B 74 21.70 22.06 13.92
N ALA B 75 22.43 22.39 12.86
CA ALA B 75 23.56 21.59 12.41
C ALA B 75 24.61 21.41 13.51
N GLU B 76 24.91 22.47 14.25
CA GLU B 76 25.92 22.38 15.28
C GLU B 76 25.53 21.43 16.40
N ASP B 77 24.23 21.39 16.71
CA ASP B 77 23.68 20.51 17.74
C ASP B 77 23.75 19.05 17.29
N ARG B 78 23.42 18.80 16.03
CA ARG B 78 23.51 17.43 15.50
C ARG B 78 24.94 16.94 15.57
N GLU B 79 25.87 17.80 15.19
CA GLU B 79 27.27 17.41 15.14
C GLU B 79 27.84 17.18 16.56
N ARG B 80 27.44 18.01 17.51
CA ARG B 80 27.85 17.85 18.90
C ARG B 80 27.28 16.59 19.56
N LEU B 81 26.07 16.19 19.18
CA LEU B 81 25.47 14.97 19.70
C LEU B 81 26.26 13.75 19.26
N VAL B 82 26.62 13.68 17.98
CA VAL B 82 27.42 12.58 17.49
C VAL B 82 28.79 12.59 18.19
N ALA B 83 29.41 13.77 18.27
CA ALA B 83 30.74 13.92 18.90
C ALA B 83 30.74 13.43 20.33
N MET B 84 29.67 13.70 21.06
CA MET B 84 29.54 13.19 22.41
C MET B 84 29.56 11.67 22.47
N ALA B 85 28.79 10.99 21.63
CA ALA B 85 28.83 9.54 21.64
C ALA B 85 30.22 9.00 21.28
N VAL B 86 30.84 9.62 20.30
CA VAL B 86 32.15 9.17 19.83
C VAL B 86 33.17 9.38 20.94
N ASN B 87 33.10 10.49 21.65
CA ASN B 87 34.11 10.79 22.69
C ASN B 87 33.95 10.01 23.98
N LEU B 88 32.71 9.72 24.38
CA LEU B 88 32.48 8.91 25.57
C LEU B 88 32.58 7.41 25.30
N HIS B 89 32.11 6.95 24.14
CA HIS B 89 31.95 5.50 23.89
C HIS B 89 32.77 4.93 22.77
N GLY B 90 33.30 5.77 21.92
CA GLY B 90 34.20 5.31 20.90
C GLY B 90 33.51 5.07 19.57
N GLY B 91 32.21 5.36 19.46
CA GLY B 91 31.52 5.24 18.20
C GLY B 91 30.00 5.32 18.33
N VAL B 92 29.32 5.03 17.22
CA VAL B 92 27.86 5.04 17.19
C VAL B 92 27.40 3.84 16.35
N ASP B 93 26.47 3.05 16.91
CA ASP B 93 25.90 1.88 16.23
C ASP B 93 24.44 2.07 15.78
N ILE B 94 23.69 2.84 16.54
CA ILE B 94 22.24 2.98 16.41
C ILE B 94 21.84 4.43 16.46
N LEU B 95 20.97 4.85 15.54
CA LEU B 95 20.32 6.13 15.60
C LEU B 95 18.80 5.92 15.60
N VAL B 96 18.10 6.47 16.58
CA VAL B 96 16.65 6.56 16.59
C VAL B 96 16.30 8.03 16.42
N SER B 97 15.69 8.38 15.31
CA SER B 97 15.33 9.74 15.00
C SER B 97 13.85 9.87 15.30
N ASN B 98 13.52 10.63 16.33
CA ASN B 98 12.20 10.66 16.92
C ASN B 98 11.61 12.05 16.99
N ALA B 99 12.36 13.10 16.68
CA ALA B 99 11.86 14.45 16.84
C ALA B 99 10.77 14.80 15.85
N ALA B 100 9.83 15.61 16.27
CA ALA B 100 8.79 16.11 15.39
C ALA B 100 8.29 17.43 15.96
N VAL B 101 7.76 18.24 15.05
CA VAL B 101 7.06 19.46 15.42
C VAL B 101 5.71 19.49 14.71
N ASN B 102 4.75 20.17 15.33
CA ASN B 102 3.50 20.46 14.66
C ASN B 102 2.84 21.72 15.16
N PRO B 103 3.20 22.85 14.58
CA PRO B 103 2.69 24.14 15.03
C PRO B 103 1.36 24.53 14.37
N PHE B 104 0.60 23.56 13.85
CA PHE B 104 -0.59 23.87 13.06
C PHE B 104 -1.73 22.90 13.33
N PHE B 105 -2.95 23.42 13.37
CA PHE B 105 -4.14 22.63 13.35
C PHE B 105 -5.12 23.37 12.49
N GLY B 106 -5.82 22.66 11.61
CA GLY B 106 -6.90 23.21 10.81
C GLY B 106 -6.84 22.63 9.41
N ASN B 107 -7.45 23.34 8.49
CA ASN B 107 -7.46 22.90 7.10
C ASN B 107 -6.09 23.09 6.49
N ILE B 108 -5.58 22.05 5.83
CA ILE B 108 -4.28 22.11 5.21
C ILE B 108 -4.00 23.31 4.29
N ILE B 109 -5.05 23.72 3.59
CA ILE B 109 -4.96 24.81 2.64
C ILE B 109 -4.72 26.16 3.35
N ASP B 110 -5.04 26.21 4.64
CA ASP B 110 -4.88 27.45 5.44
C ASP B 110 -3.50 27.60 6.11
N ALA B 111 -2.70 26.54 6.10
CA ALA B 111 -1.38 26.61 6.67
C ALA B 111 -0.50 27.56 5.86
N THR B 112 0.25 28.39 6.55
CA THR B 112 1.15 29.33 5.90
C THR B 112 2.42 28.69 5.41
N GLU B 113 3.14 29.43 4.60
CA GLU B 113 4.40 28.98 4.09
C GLU B 113 5.38 28.74 5.25
N GLU B 114 5.30 29.59 6.26
CA GLU B 114 6.15 29.49 7.43
C GLU B 114 5.90 28.19 8.21
N VAL B 115 4.63 27.81 8.34
CA VAL B 115 4.29 26.52 8.97
C VAL B 115 4.89 25.36 8.20
N TRP B 116 4.76 25.39 6.89
CA TRP B 116 5.33 24.33 6.06
C TRP B 116 6.85 24.27 6.24
N ASP B 117 7.51 25.41 6.26
CA ASP B 117 8.97 25.41 6.37
C ASP B 117 9.44 24.79 7.69
N LYS B 118 8.78 25.14 8.79
CA LYS B 118 9.12 24.64 10.09
C LYS B 118 8.93 23.09 10.13
N ILE B 119 7.76 22.65 9.67
CA ILE B 119 7.42 21.21 9.70
C ILE B 119 8.37 20.44 8.80
N LEU B 120 8.63 20.92 7.59
CA LEU B 120 9.54 20.20 6.68
C LEU B 120 10.96 20.19 7.20
N HIS B 121 11.38 21.24 7.88
CA HIS B 121 12.75 21.29 8.37
C HIS B 121 12.98 20.32 9.52
N VAL B 122 12.14 20.36 10.54
CA VAL B 122 12.34 19.52 11.72
C VAL B 122 11.96 18.09 11.41
N ASN B 123 10.84 17.88 10.72
CA ASN B 123 10.32 16.53 10.57
C ASN B 123 11.00 15.73 9.49
N VAL B 124 11.44 16.38 8.41
CA VAL B 124 11.97 15.64 7.25
C VAL B 124 13.47 15.93 7.09
N LYS B 125 13.84 17.19 6.87
CA LYS B 125 15.25 17.51 6.64
C LYS B 125 16.14 17.10 7.81
N ALA B 126 15.73 17.42 9.03
CA ALA B 126 16.56 17.09 10.20
C ALA B 126 16.81 15.60 10.31
N THR B 127 15.83 14.79 9.91
CA THR B 127 15.97 13.35 9.95
C THR B 127 17.10 12.88 9.04
N VAL B 128 17.06 13.34 7.79
CA VAL B 128 18.10 12.93 6.86
C VAL B 128 19.46 13.50 7.21
N LEU B 129 19.49 14.72 7.73
CA LEU B 129 20.76 15.34 8.09
C LEU B 129 21.36 14.68 9.31
N MET B 130 20.53 14.26 10.25
CA MET B 130 20.98 13.48 11.39
C MET B 130 21.53 12.13 10.94
N THR B 131 20.89 11.51 9.96
CA THR B 131 21.38 10.25 9.43
C THR B 131 22.74 10.46 8.77
N LYS B 132 22.88 11.53 7.99
CA LYS B 132 24.18 11.83 7.37
C LYS B 132 25.25 11.98 8.43
N ALA B 133 24.91 12.58 9.56
CA ALA B 133 25.90 12.80 10.63
C ALA B 133 26.41 11.52 11.28
N VAL B 134 25.61 10.46 11.30
CA VAL B 134 26.04 9.20 11.94
C VAL B 134 26.62 8.18 10.98
N VAL B 135 26.37 8.32 9.69
CA VAL B 135 26.77 7.27 8.77
C VAL B 135 28.29 6.97 8.80
N PRO B 136 29.15 7.97 8.77
CA PRO B 136 30.59 7.68 8.80
C PRO B 136 31.01 6.96 10.08
N GLU B 137 30.37 7.27 11.21
CA GLU B 137 30.66 6.54 12.44
C GLU B 137 30.19 5.10 12.38
N MET B 138 29.01 4.86 11.80
CA MET B 138 28.54 3.50 11.67
C MET B 138 29.44 2.70 10.75
N GLU B 139 29.94 3.33 9.69
CA GLU B 139 30.88 2.65 8.79
C GLU B 139 32.10 2.14 9.53
N LYS B 140 32.60 2.93 10.49
CA LYS B 140 33.75 2.50 11.29
C LYS B 140 33.48 1.25 12.12
N ARG B 141 32.21 1.02 12.46
CA ARG B 141 31.77 -0.12 13.27
C ARG B 141 31.38 -1.34 12.46
N GLY B 142 31.40 -1.22 11.13
CA GLY B 142 31.05 -2.31 10.25
C GLY B 142 29.59 -2.31 9.87
N GLY B 143 28.88 -1.25 10.23
CA GLY B 143 27.45 -1.18 9.94
C GLY B 143 26.67 -0.54 11.08
N GLY B 144 25.37 -0.51 10.93
CA GLY B 144 24.56 0.03 11.99
C GLY B 144 23.09 -0.02 11.65
N SER B 145 22.28 0.63 12.49
CA SER B 145 20.82 0.61 12.34
C SER B 145 20.29 2.01 12.57
N VAL B 146 19.37 2.44 11.73
CA VAL B 146 18.65 3.69 11.88
C VAL B 146 17.15 3.38 11.97
N LEU B 147 16.46 4.03 12.88
CA LEU B 147 15.00 3.88 13.03
C LEU B 147 14.40 5.28 13.03
N ILE B 148 13.48 5.53 12.11
CA ILE B 148 12.81 6.80 11.94
C ILE B 148 11.39 6.66 12.49
N VAL B 149 10.93 7.65 13.23
CA VAL B 149 9.58 7.62 13.80
C VAL B 149 8.66 8.47 12.94
N SER B 150 7.73 7.79 12.27
CA SER B 150 6.72 8.45 11.48
C SER B 150 5.38 8.46 12.25
N SER B 151 4.30 8.02 11.62
CA SER B 151 2.95 8.05 12.22
C SER B 151 2.05 7.25 11.35
N VAL B 152 1.02 6.63 11.93
CA VAL B 152 -0.01 6.00 11.11
C VAL B 152 -0.75 7.03 10.25
N GLY B 153 -0.76 8.31 10.64
CA GLY B 153 -1.32 9.36 9.80
C GLY B 153 -0.64 9.52 8.46
N ALA B 154 0.57 8.97 8.34
CA ALA B 154 1.23 8.91 7.04
C ALA B 154 0.44 8.08 6.01
N TYR B 155 -0.29 7.08 6.50
CA TYR B 155 -1.14 6.20 5.67
C TYR B 155 -2.57 6.63 5.61
N HIS B 156 -3.13 7.03 6.76
CA HIS B 156 -4.55 7.35 6.94
C HIS B 156 -4.61 8.63 7.76
N PRO B 157 -4.69 9.78 7.08
CA PRO B 157 -4.43 11.08 7.72
C PRO B 157 -5.31 11.55 8.94
N PHE B 158 -4.69 12.06 10.01
CA PHE B 158 -5.45 12.61 11.14
C PHE B 158 -6.19 13.88 10.69
N PRO B 159 -7.50 13.99 10.97
CA PRO B 159 -8.24 15.19 10.62
C PRO B 159 -7.59 16.43 11.17
N ASN B 160 -7.48 17.49 10.36
CA ASN B 160 -6.91 18.75 10.84
C ASN B 160 -5.39 18.79 11.11
N LEU B 161 -4.69 17.71 10.76
CA LEU B 161 -3.23 17.66 10.96
C LEU B 161 -2.53 17.49 9.62
N GLY B 162 -3.08 18.11 8.59
CA GLY B 162 -2.57 17.95 7.21
C GLY B 162 -1.07 18.10 7.02
N PRO B 163 -0.49 19.25 7.31
CA PRO B 163 0.94 19.45 7.05
C PRO B 163 1.82 18.42 7.80
N TYR B 164 1.51 18.18 9.06
CA TYR B 164 2.16 17.14 9.82
C TYR B 164 2.02 15.79 9.12
N ASN B 165 0.81 15.43 8.73
CA ASN B 165 0.56 14.14 8.10
C ASN B 165 1.43 14.00 6.84
N VAL B 166 1.48 15.05 6.02
CA VAL B 166 2.31 15.01 4.82
C VAL B 166 3.79 14.80 5.12
N SER B 167 4.29 15.44 6.16
CA SER B 167 5.68 15.24 6.54
C SER B 167 5.92 13.80 6.98
N LYS B 168 4.93 13.18 7.59
CA LYS B 168 5.06 11.80 8.01
C LYS B 168 5.00 10.85 6.80
N THR B 169 4.18 11.14 5.80
CA THR B 169 4.18 10.35 4.57
C THR B 169 5.54 10.44 3.91
N ALA B 170 6.14 11.64 3.88
CA ALA B 170 7.48 11.83 3.34
C ALA B 170 8.50 10.92 4.03
N LEU B 171 8.36 10.74 5.34
CA LEU B 171 9.25 9.86 6.08
C LEU B 171 9.15 8.40 5.66
N LEU B 172 7.99 7.94 5.20
CA LEU B 172 7.88 6.59 4.65
C LEU B 172 8.82 6.45 3.46
N GLY B 173 8.77 7.43 2.58
CA GLY B 173 9.63 7.45 1.42
C GLY B 173 11.10 7.62 1.79
N LEU B 174 11.39 8.44 2.79
CA LEU B 174 12.77 8.61 3.22
C LEU B 174 13.35 7.29 3.75
N THR B 175 12.55 6.56 4.52
CA THR B 175 12.97 5.26 5.02
C THR B 175 13.35 4.35 3.88
N LYS B 176 12.49 4.24 2.87
CA LYS B 176 12.73 3.34 1.75
C LYS B 176 14.00 3.73 0.96
N ASN B 177 14.15 5.02 0.71
CA ASN B 177 15.28 5.52 -0.06
C ASN B 177 16.59 5.34 0.70
N LEU B 178 16.58 5.66 1.99
CA LEU B 178 17.78 5.43 2.82
C LEU B 178 18.12 3.94 2.91
N ALA B 179 17.12 3.09 3.05
CA ALA B 179 17.41 1.67 3.18
C ALA B 179 18.11 1.13 1.92
N VAL B 180 17.65 1.54 0.74
CA VAL B 180 18.27 1.12 -0.52
C VAL B 180 19.69 1.66 -0.60
N GLU B 181 19.83 2.94 -0.31
CA GLU B 181 21.09 3.64 -0.59
C GLU B 181 22.17 3.39 0.43
N LEU B 182 21.81 2.93 1.63
CA LEU B 182 22.78 2.64 2.67
C LEU B 182 23.05 1.15 2.86
N ALA B 183 22.34 0.30 2.12
CA ALA B 183 22.57 -1.13 2.20
C ALA B 183 24.01 -1.51 1.89
N PRO B 184 24.67 -0.87 0.91
CA PRO B 184 26.10 -1.24 0.66
C PRO B 184 27.03 -0.98 1.83
N ARG B 185 26.65 -0.08 2.74
CA ARG B 185 27.41 0.22 3.94
C ARG B 185 26.98 -0.65 5.12
N ASN B 186 26.09 -1.62 4.90
CA ASN B 186 25.59 -2.49 5.98
C ASN B 186 24.86 -1.70 7.06
N ILE B 187 24.14 -0.67 6.63
CA ILE B 187 23.31 0.12 7.54
C ILE B 187 21.85 -0.17 7.18
N ARG B 188 21.09 -0.65 8.15
CA ARG B 188 19.66 -0.92 7.98
C ARG B 188 18.87 0.30 8.38
N VAL B 189 17.74 0.53 7.73
CA VAL B 189 16.93 1.67 8.03
C VAL B 189 15.47 1.25 8.02
N ASN B 190 14.81 1.44 9.14
CA ASN B 190 13.42 1.05 9.32
C ASN B 190 12.63 2.19 9.95
N CYS B 191 11.33 2.03 10.09
CA CYS B 191 10.47 3.10 10.54
C CYS B 191 9.41 2.54 11.46
N LEU B 192 9.16 3.28 12.54
CA LEU B 192 8.05 3.07 13.48
C LEU B 192 6.94 4.05 13.15
N ALA B 193 5.70 3.56 12.98
CA ALA B 193 4.54 4.42 12.72
C ALA B 193 3.53 4.25 13.84
N PRO B 194 3.64 5.05 14.89
CA PRO B 194 2.69 4.90 15.99
C PRO B 194 1.28 5.35 15.60
N GLY B 195 0.31 4.73 16.25
CA GLY B 195 -1.07 5.16 16.25
C GLY B 195 -1.32 6.21 17.30
N LEU B 196 -2.45 6.14 17.98
CA LEU B 196 -2.74 7.11 19.04
C LEU B 196 -2.12 6.63 20.35
N ILE B 197 -0.99 7.26 20.67
CA ILE B 197 -0.24 6.97 21.88
C ILE B 197 -0.43 8.16 22.80
N LYS B 198 -0.77 7.88 24.04
CA LYS B 198 -0.92 8.92 25.07
C LYS B 198 0.40 9.58 25.38
N THR B 199 0.57 10.80 24.91
CA THR B 199 1.72 11.66 25.23
C THR B 199 1.29 13.13 25.26
N ASN B 200 2.21 14.00 25.68
CA ASN B 200 1.95 15.44 25.69
C ASN B 200 1.71 15.97 24.28
N PHE B 201 2.50 15.50 23.32
CA PHE B 201 2.38 15.93 21.93
C PHE B 201 1.02 15.60 21.31
N SER B 202 0.41 14.48 21.72
CA SER B 202 -0.90 14.08 21.20
C SER B 202 -2.06 14.46 22.11
N GLN B 203 -1.74 15.09 23.25
CA GLN B 203 -2.65 15.24 24.40
C GLN B 203 -3.96 15.93 24.07
N VAL B 204 -3.91 16.94 23.22
CA VAL B 204 -5.11 17.71 22.89
C VAL B 204 -6.17 16.82 22.24
N LEU B 205 -5.74 15.79 21.50
CA LEU B 205 -6.67 14.86 20.83
C LEU B 205 -7.47 13.96 21.79
N TRP B 206 -7.01 13.80 23.03
CA TRP B 206 -7.67 12.92 23.99
C TRP B 206 -7.82 13.51 25.42
N MET B 207 -7.66 14.82 25.57
CA MET B 207 -7.73 15.45 26.89
C MET B 207 -9.14 15.30 27.51
N ASP B 208 -10.17 15.69 26.75
CA ASP B 208 -11.56 15.52 27.19
C ASP B 208 -11.94 14.05 27.08
N LYS B 209 -12.72 13.53 28.02
CA LYS B 209 -13.25 12.18 27.91
C LYS B 209 -14.11 12.03 26.65
N ALA B 210 -14.79 13.09 26.26
CA ALA B 210 -15.62 13.09 25.05
C ALA B 210 -14.78 13.00 23.77
N ARG B 211 -13.70 13.79 23.71
CA ARG B 211 -12.79 13.73 22.56
C ARG B 211 -12.03 12.38 22.52
N LYS B 212 -11.66 11.86 23.68
CA LYS B 212 -10.96 10.58 23.79
C LYS B 212 -11.82 9.45 23.24
N GLU B 213 -13.10 9.45 23.58
CA GLU B 213 -13.99 8.37 23.15
C GLU B 213 -14.35 8.49 21.66
N TYR B 214 -14.39 9.71 21.15
CA TYR B 214 -14.57 9.93 19.71
C TYR B 214 -13.35 9.41 18.94
N MET B 215 -12.16 9.62 19.50
CA MET B 215 -10.93 9.15 18.85
C MET B 215 -10.93 7.63 18.76
N LYS B 216 -11.32 6.97 19.86
CA LYS B 216 -11.33 5.51 19.90
C LYS B 216 -12.33 4.90 18.91
N GLU B 217 -13.49 5.52 18.77
CA GLU B 217 -14.49 5.04 17.82
C GLU B 217 -14.06 5.30 16.37
N SER B 218 -13.51 6.48 16.13
CA SER B 218 -13.06 6.87 14.79
C SER B 218 -11.87 6.02 14.34
N LEU B 219 -10.93 5.77 15.26
CA LEU B 219 -9.75 4.98 14.94
C LEU B 219 -10.01 3.47 15.06
N ARG B 220 -11.12 3.10 15.67
CA ARG B 220 -11.51 1.70 15.86
C ARG B 220 -10.50 0.90 16.69
N ILE B 221 -10.20 1.44 17.86
CA ILE B 221 -9.25 0.87 18.81
C ILE B 221 -9.95 0.67 20.14
N ARG B 222 -9.46 -0.31 20.89
CA ARG B 222 -10.03 -0.65 22.21
C ARG B 222 -9.42 0.17 23.32
N ARG B 223 -8.18 0.60 23.14
CA ARG B 223 -7.49 1.44 24.11
C ARG B 223 -6.52 2.35 23.40
N LEU B 224 -6.11 3.41 24.07
CA LEU B 224 -5.02 4.25 23.60
C LEU B 224 -3.72 3.52 23.91
N GLY B 225 -2.73 3.75 23.08
CA GLY B 225 -1.39 3.23 23.33
C GLY B 225 -0.65 4.01 24.40
N ASN B 226 0.37 3.37 24.95
CA ASN B 226 1.30 4.00 25.88
C ASN B 226 2.70 4.01 25.24
N PRO B 227 3.57 4.95 25.60
CA PRO B 227 4.91 5.01 25.00
C PRO B 227 5.65 3.65 25.00
N GLU B 228 5.53 2.86 26.07
CA GLU B 228 6.24 1.58 26.12
C GLU B 228 5.72 0.55 25.12
N ASP B 229 4.49 0.73 24.61
CA ASP B 229 3.99 -0.12 23.55
C ASP B 229 4.80 -0.03 22.26
N CYS B 230 5.67 0.98 22.16
CA CYS B 230 6.52 1.22 21.00
C CYS B 230 7.95 0.76 21.21
N ALA B 231 8.34 0.47 22.44
CA ALA B 231 9.75 0.33 22.76
C ALA B 231 10.31 -1.00 22.32
N GLY B 232 9.55 -2.08 22.44
CA GLY B 232 10.03 -3.42 22.10
C GLY B 232 10.36 -3.60 20.63
N ILE B 233 9.50 -3.08 19.78
CA ILE B 233 9.73 -3.25 18.35
C ILE B 233 10.96 -2.47 17.93
N VAL B 234 11.15 -1.29 18.53
CA VAL B 234 12.32 -0.47 18.19
C VAL B 234 13.58 -1.18 18.64
N SER B 235 13.62 -1.67 19.88
CA SER B 235 14.80 -2.40 20.32
C SER B 235 15.10 -3.60 19.43
N PHE B 236 14.06 -4.34 19.06
CA PHE B 236 14.22 -5.50 18.19
C PHE B 236 14.80 -5.08 16.85
N LEU B 237 14.23 -4.04 16.25
CA LEU B 237 14.70 -3.63 14.91
C LEU B 237 16.12 -3.12 14.91
N CYS B 238 16.55 -2.59 16.05
CA CYS B 238 17.92 -2.05 16.20
C CYS B 238 18.93 -3.13 16.51
N SER B 239 18.48 -4.36 16.75
CA SER B 239 19.31 -5.49 17.11
C SER B 239 19.75 -6.32 15.92
N GLU B 240 20.82 -7.06 16.09
CA GLU B 240 21.33 -7.92 15.03
C GLU B 240 20.40 -9.06 14.68
N ASP B 241 19.45 -9.37 15.57
CA ASP B 241 18.44 -10.37 15.28
C ASP B 241 17.48 -9.91 14.17
N ALA B 242 17.47 -8.62 13.87
CA ALA B 242 16.68 -8.11 12.77
C ALA B 242 17.54 -7.83 11.53
N SER B 243 18.63 -8.59 11.36
CA SER B 243 19.56 -8.29 10.30
C SER B 243 19.05 -8.41 8.88
N TYR B 244 17.92 -9.14 8.66
CA TYR B 244 17.33 -9.26 7.34
C TYR B 244 16.10 -8.36 7.18
N ILE B 245 15.97 -7.37 8.06
CA ILE B 245 14.88 -6.42 8.04
C ILE B 245 15.39 -5.02 7.79
N THR B 246 15.10 -4.50 6.60
CA THR B 246 15.42 -3.13 6.26
C THR B 246 14.37 -2.61 5.30
N GLY B 247 14.19 -1.28 5.34
CA GLY B 247 13.21 -0.63 4.49
C GLY B 247 11.79 -0.87 4.96
N GLU B 248 11.59 -1.28 6.20
CA GLU B 248 10.29 -1.70 6.70
C GLU B 248 9.72 -0.68 7.65
N THR B 249 8.42 -0.41 7.53
CA THR B 249 7.65 0.37 8.49
C THR B 249 6.77 -0.58 9.29
N VAL B 250 6.80 -0.44 10.61
CA VAL B 250 5.96 -1.21 11.50
C VAL B 250 5.01 -0.25 12.20
N VAL B 251 3.72 -0.49 11.99
CA VAL B 251 2.65 0.28 12.63
C VAL B 251 2.35 -0.31 14.01
N VAL B 252 2.33 0.56 15.03
CA VAL B 252 2.00 0.20 16.39
C VAL B 252 0.76 1.03 16.75
N GLY B 253 -0.40 0.49 16.38
CA GLY B 253 -1.62 1.28 16.40
C GLY B 253 -2.82 0.59 16.96
N GLY B 254 -2.66 -0.59 17.55
CA GLY B 254 -3.74 -1.22 18.28
C GLY B 254 -4.92 -1.62 17.42
N GLY B 255 -4.68 -1.79 16.13
CA GLY B 255 -5.69 -2.18 15.20
C GLY B 255 -6.21 -1.12 14.30
N THR B 256 -5.80 0.12 14.49
CA THR B 256 -6.31 1.16 13.64
C THR B 256 -5.82 0.90 12.22
N ALA B 257 -6.58 1.36 11.24
CA ALA B 257 -6.27 1.04 9.85
C ALA B 257 -4.94 1.66 9.43
N SER B 258 -4.28 0.98 8.51
CA SER B 258 -3.00 1.47 7.99
C SER B 258 -2.91 1.09 6.52
N ARG B 259 -2.35 -0.08 6.21
CA ARG B 259 -2.19 -0.54 4.83
C ARG B 259 -1.97 -2.04 4.77
N LEU B 260 -2.24 -2.64 3.62
CA LEU B 260 -1.98 -4.07 3.44
C LEU B 260 -0.49 -4.44 3.53
N LYS C 10 12.47 -14.58 29.88
CA LYS C 10 11.74 -15.41 28.88
C LYS C 10 10.40 -14.77 28.56
N PRO C 11 10.36 -14.11 27.41
CA PRO C 11 9.15 -13.36 27.03
C PRO C 11 7.90 -14.21 26.82
N LEU C 12 8.05 -15.52 26.61
CA LEU C 12 6.90 -16.41 26.37
C LEU C 12 6.78 -17.46 27.45
N GLU C 13 7.31 -17.17 28.63
CA GLU C 13 7.27 -18.15 29.72
C GLU C 13 5.83 -18.61 29.99
N ASN C 14 5.66 -19.93 30.08
CA ASN C 14 4.37 -20.54 30.46
C ASN C 14 3.32 -20.47 29.33
N LYS C 15 3.69 -19.98 28.15
CA LYS C 15 2.73 -19.92 27.05
C LYS C 15 2.81 -21.18 26.25
N VAL C 16 1.70 -21.52 25.61
CA VAL C 16 1.57 -22.72 24.80
C VAL C 16 1.36 -22.29 23.36
N ALA C 17 2.22 -22.77 22.49
CA ALA C 17 2.15 -22.43 21.05
C ALA C 17 2.01 -23.64 20.15
N LEU C 18 1.22 -23.51 19.11
CA LEU C 18 1.12 -24.43 17.99
C LEU C 18 1.79 -23.78 16.81
N VAL C 19 2.65 -24.51 16.11
CA VAL C 19 3.25 -24.02 14.86
C VAL C 19 2.99 -25.12 13.83
N THR C 20 2.18 -24.83 12.83
CA THR C 20 1.94 -25.80 11.76
C THR C 20 3.13 -25.83 10.81
N ALA C 21 3.27 -26.93 10.10
CA ALA C 21 4.30 -27.09 9.12
C ALA C 21 5.67 -26.70 9.67
N SER C 22 6.02 -27.32 10.79
CA SER C 22 7.15 -26.86 11.57
C SER C 22 8.27 -27.89 11.69
N THR C 23 8.43 -28.72 10.68
CA THR C 23 9.49 -29.74 10.72
C THR C 23 10.63 -29.44 9.78
N ASP C 24 10.60 -28.27 9.13
CA ASP C 24 11.73 -27.83 8.34
C ASP C 24 11.60 -26.31 8.14
N GLY C 25 12.67 -25.68 7.70
CA GLY C 25 12.59 -24.34 7.17
C GLY C 25 12.15 -23.31 8.19
N ILE C 26 11.36 -22.36 7.71
CA ILE C 26 10.90 -21.25 8.52
C ILE C 26 10.05 -21.72 9.73
N GLY C 27 9.18 -22.68 9.52
CA GLY C 27 8.35 -23.23 10.60
C GLY C 27 9.18 -23.82 11.74
N LEU C 28 10.24 -24.54 11.39
CA LEU C 28 11.14 -25.11 12.39
C LEU C 28 11.89 -24.00 13.14
N ALA C 29 12.41 -23.00 12.42
CA ALA C 29 13.11 -21.91 13.08
C ALA C 29 12.17 -21.17 14.04
N ILE C 30 10.93 -20.96 13.63
CA ILE C 30 9.97 -20.31 14.52
C ILE C 30 9.72 -21.16 15.77
N ALA C 31 9.44 -22.45 15.58
CA ALA C 31 9.21 -23.35 16.72
C ALA C 31 10.40 -23.33 17.67
N ARG C 32 11.60 -23.44 17.12
CA ARG C 32 12.80 -23.38 17.95
C ARG C 32 12.84 -22.12 18.77
N ARG C 33 12.62 -20.96 18.13
CA ARG C 33 12.76 -19.70 18.82
C ARG C 33 11.66 -19.50 19.87
N LEU C 34 10.43 -19.87 19.57
CA LEU C 34 9.38 -19.76 20.57
C LEU C 34 9.74 -20.57 21.84
N ALA C 35 10.23 -21.78 21.61
CA ALA C 35 10.65 -22.63 22.73
C ALA C 35 11.84 -22.08 23.47
N GLN C 36 12.83 -21.52 22.78
CA GLN C 36 13.93 -20.86 23.44
C GLN C 36 13.47 -19.67 24.29
N ASP C 37 12.39 -19.01 23.85
CA ASP C 37 11.83 -17.88 24.57
C ASP C 37 10.80 -18.24 25.64
N GLY C 38 10.71 -19.54 25.94
CA GLY C 38 9.96 -19.99 27.10
C GLY C 38 8.69 -20.76 26.85
N ALA C 39 8.23 -20.82 25.60
CA ALA C 39 6.96 -21.44 25.28
C ALA C 39 7.06 -22.97 25.28
N HIS C 40 5.96 -23.61 25.63
CA HIS C 40 5.75 -25.01 25.31
C HIS C 40 5.23 -25.04 23.89
N VAL C 41 5.88 -25.76 22.99
CA VAL C 41 5.53 -25.74 21.57
C VAL C 41 5.15 -27.12 21.13
N VAL C 42 4.08 -27.22 20.36
CA VAL C 42 3.70 -28.43 19.68
C VAL C 42 4.00 -28.23 18.18
N VAL C 43 4.94 -29.00 17.67
CA VAL C 43 5.26 -29.01 16.24
C VAL C 43 4.45 -30.06 15.50
N SER C 44 4.31 -29.89 14.20
CA SER C 44 3.56 -30.82 13.40
C SER C 44 3.84 -30.65 11.95
N SER C 45 3.62 -31.71 11.19
CA SER C 45 3.58 -31.68 9.73
C SER C 45 2.96 -32.99 9.24
N ARG C 46 3.01 -33.25 7.95
CA ARG C 46 2.26 -34.39 7.40
C ARG C 46 2.88 -35.76 7.72
N LYS C 47 4.20 -35.83 7.75
CA LYS C 47 4.92 -37.13 7.82
C LYS C 47 5.46 -37.38 9.24
N GLN C 48 5.10 -38.55 9.81
CA GLN C 48 5.55 -38.92 11.15
C GLN C 48 7.07 -38.89 11.30
N GLU C 49 7.81 -39.36 10.30
CA GLU C 49 9.27 -39.32 10.36
C GLU C 49 9.85 -37.92 10.55
N ASN C 50 9.24 -36.93 9.87
CA ASN C 50 9.68 -35.56 10.00
C ASN C 50 9.36 -34.97 11.37
N VAL C 51 8.18 -35.30 11.86
CA VAL C 51 7.76 -34.92 13.20
C VAL C 51 8.71 -35.51 14.25
N ASP C 52 8.98 -36.81 14.14
CA ASP C 52 9.85 -37.46 15.10
C ASP C 52 11.24 -36.86 15.12
N ARG C 53 11.79 -36.61 13.92
CA ARG C 53 13.12 -36.04 13.79
C ARG C 53 13.18 -34.67 14.46
N THR C 54 12.15 -33.86 14.19
CA THR C 54 12.12 -32.49 14.69
C THR C 54 12.00 -32.44 16.20
N VAL C 55 11.07 -33.22 16.72
CA VAL C 55 10.87 -33.30 18.16
C VAL C 55 12.17 -33.76 18.85
N ALA C 56 12.81 -34.77 18.26
CA ALA C 56 14.07 -35.26 18.84
C ALA C 56 15.16 -34.19 18.89
N THR C 57 15.29 -33.43 17.80
CA THR C 57 16.27 -32.38 17.73
C THR C 57 16.01 -31.28 18.76
N LEU C 58 14.77 -30.81 18.83
CA LEU C 58 14.47 -29.72 19.74
C LEU C 58 14.49 -30.13 21.23
N GLN C 59 14.02 -31.34 21.50
CA GLN C 59 14.10 -31.88 22.87
C GLN C 59 15.55 -32.04 23.30
N GLY C 60 16.40 -32.46 22.35
CA GLY C 60 17.83 -32.57 22.58
C GLY C 60 18.52 -31.28 22.91
N GLU C 61 17.92 -30.16 22.46
CA GLU C 61 18.41 -28.83 22.79
C GLU C 61 17.87 -28.30 24.13
N GLY C 62 17.13 -29.14 24.84
CA GLY C 62 16.55 -28.78 26.11
C GLY C 62 15.29 -27.93 26.01
N LEU C 63 14.58 -28.07 24.90
CA LEU C 63 13.37 -27.25 24.69
C LEU C 63 12.11 -28.03 25.04
N SER C 64 11.06 -27.33 25.47
CA SER C 64 9.80 -27.96 25.86
C SER C 64 8.96 -28.12 24.60
N VAL C 65 9.19 -29.19 23.87
CA VAL C 65 8.58 -29.42 22.59
C VAL C 65 7.99 -30.81 22.55
N THR C 66 6.80 -30.94 21.98
CA THR C 66 6.20 -32.20 21.57
C THR C 66 5.70 -32.07 20.15
N GLY C 67 5.27 -33.16 19.58
CA GLY C 67 4.81 -33.15 18.21
C GLY C 67 3.81 -34.21 17.86
N THR C 68 3.08 -33.96 16.80
CA THR C 68 2.14 -34.90 16.24
C THR C 68 1.98 -34.67 14.75
N VAL C 69 1.47 -35.65 14.03
CA VAL C 69 1.16 -35.46 12.62
C VAL C 69 -0.06 -34.57 12.50
N CYS C 70 0.00 -33.58 11.60
CA CYS C 70 -1.16 -32.75 11.28
C CYS C 70 -1.03 -32.26 9.86
N HIS C 71 -1.84 -32.82 8.98
CA HIS C 71 -2.06 -32.27 7.64
C HIS C 71 -3.10 -31.19 7.80
N VAL C 72 -2.71 -29.92 7.62
CA VAL C 72 -3.61 -28.84 7.93
C VAL C 72 -4.89 -28.82 7.10
N GLY C 73 -4.88 -29.49 5.96
CA GLY C 73 -6.07 -29.58 5.13
C GLY C 73 -7.14 -30.50 5.65
N LYS C 74 -6.83 -31.30 6.66
CA LYS C 74 -7.79 -32.24 7.24
C LYS C 74 -8.35 -31.75 8.56
N ALA C 75 -9.68 -31.69 8.66
CA ALA C 75 -10.36 -31.19 9.85
C ALA C 75 -10.01 -32.01 11.09
N GLU C 76 -9.97 -33.33 10.94
CA GLU C 76 -9.68 -34.18 12.10
C GLU C 76 -8.25 -33.97 12.60
N ASP C 77 -7.31 -33.70 11.68
CA ASP C 77 -5.92 -33.42 12.07
C ASP C 77 -5.83 -32.09 12.81
N ARG C 78 -6.52 -31.07 12.32
CA ARG C 78 -6.54 -29.77 12.99
C ARG C 78 -7.11 -29.87 14.41
N GLU C 79 -8.21 -30.60 14.55
CA GLU C 79 -8.93 -30.75 15.81
C GLU C 79 -8.02 -31.48 16.81
N ARG C 80 -7.34 -32.49 16.33
CA ARG C 80 -6.49 -33.32 17.17
C ARG C 80 -5.23 -32.59 17.61
N LEU C 81 -4.73 -31.70 16.75
CA LEU C 81 -3.57 -30.91 17.11
C LEU C 81 -3.90 -29.99 18.29
N VAL C 82 -5.03 -29.30 18.19
CA VAL C 82 -5.44 -28.42 19.28
C VAL C 82 -5.65 -29.24 20.55
N ALA C 83 -6.35 -30.37 20.40
CA ALA C 83 -6.67 -31.22 21.57
C ALA C 83 -5.41 -31.70 22.26
N MET C 84 -4.39 -32.03 21.49
CA MET C 84 -3.12 -32.44 22.07
C MET C 84 -2.55 -31.35 22.97
N ALA C 85 -2.52 -30.11 22.49
CA ALA C 85 -1.99 -29.03 23.31
C ALA C 85 -2.82 -28.82 24.58
N VAL C 86 -4.14 -28.93 24.44
CA VAL C 86 -5.02 -28.72 25.57
C VAL C 86 -4.85 -29.86 26.61
N ASN C 87 -4.70 -31.08 26.12
CA ASN C 87 -4.53 -32.26 27.01
C ASN C 87 -3.20 -32.29 27.71
N LEU C 88 -2.13 -31.87 27.04
CA LEU C 88 -0.80 -31.82 27.62
C LEU C 88 -0.57 -30.63 28.52
N HIS C 89 -1.04 -29.44 28.10
CA HIS C 89 -0.63 -28.18 28.75
C HIS C 89 -1.73 -27.37 29.40
N GLY C 90 -2.97 -27.64 29.03
CA GLY C 90 -4.08 -27.02 29.69
C GLY C 90 -4.71 -25.93 28.87
N GLY C 91 -4.12 -25.59 27.71
CA GLY C 91 -4.67 -24.56 26.86
C GLY C 91 -3.78 -24.19 25.68
N VAL C 92 -4.20 -23.18 24.93
CA VAL C 92 -3.41 -22.67 23.79
C VAL C 92 -3.41 -21.15 23.85
N ASP C 93 -2.23 -20.55 23.72
CA ASP C 93 -2.04 -19.11 23.70
C ASP C 93 -1.68 -18.51 22.32
N ILE C 94 -0.96 -19.30 21.52
CA ILE C 94 -0.31 -18.83 20.29
C ILE C 94 -0.56 -19.84 19.19
N LEU C 95 -0.93 -19.34 18.02
CA LEU C 95 -0.94 -20.13 16.81
C LEU C 95 -0.08 -19.45 15.76
N VAL C 96 0.87 -20.19 15.22
CA VAL C 96 1.62 -19.79 14.03
C VAL C 96 1.19 -20.69 12.91
N SER C 97 0.55 -20.10 11.91
CA SER C 97 -0.01 -20.85 10.76
C SER C 97 0.96 -20.68 9.62
N ASN C 98 1.68 -21.73 9.27
CA ASN C 98 2.83 -21.67 8.36
C ASN C 98 2.73 -22.59 7.13
N ALA C 99 1.70 -23.41 7.06
CA ALA C 99 1.63 -24.41 5.99
C ALA C 99 1.30 -23.77 4.66
N ALA C 100 1.85 -24.33 3.61
CA ALA C 100 1.57 -23.89 2.26
C ALA C 100 1.87 -25.02 1.30
N VAL C 101 1.20 -24.96 0.16
CA VAL C 101 1.44 -25.89 -0.95
C VAL C 101 1.61 -25.08 -2.23
N ASN C 102 2.33 -25.63 -3.18
CA ASN C 102 2.32 -25.07 -4.51
C ASN C 102 2.64 -26.12 -5.55
N PRO C 103 1.59 -26.76 -6.05
CA PRO C 103 1.75 -27.82 -7.05
C PRO C 103 1.78 -27.31 -8.48
N PHE C 104 2.23 -26.07 -8.72
CA PHE C 104 2.15 -25.48 -10.04
C PHE C 104 3.35 -24.66 -10.38
N PHE C 105 3.81 -24.77 -11.61
CA PHE C 105 4.87 -23.93 -12.14
C PHE C 105 4.61 -23.65 -13.62
N GLY C 106 4.35 -22.40 -13.97
CA GLY C 106 4.01 -22.03 -15.33
C GLY C 106 3.22 -20.74 -15.34
N ASN C 107 2.54 -20.49 -16.44
CA ASN C 107 1.71 -19.29 -16.58
C ASN C 107 0.42 -19.50 -15.81
N ILE C 108 0.06 -18.50 -14.99
CA ILE C 108 -1.16 -18.58 -14.21
C ILE C 108 -2.41 -18.99 -14.96
N ILE C 109 -2.54 -18.56 -16.20
CA ILE C 109 -3.72 -18.85 -16.97
C ILE C 109 -3.88 -20.37 -17.24
N ASP C 110 -2.79 -21.13 -17.11
CA ASP C 110 -2.79 -22.56 -17.38
C ASP C 110 -3.01 -23.45 -16.15
N ALA C 111 -3.09 -22.84 -14.99
CA ALA C 111 -3.42 -23.56 -13.79
C ALA C 111 -4.86 -24.06 -13.88
N THR C 112 -5.05 -25.34 -13.68
CA THR C 112 -6.38 -25.92 -13.74
C THR C 112 -7.20 -25.67 -12.49
N GLU C 113 -8.48 -26.01 -12.55
CA GLU C 113 -9.31 -25.95 -11.35
C GLU C 113 -8.77 -26.76 -10.19
N GLU C 114 -8.19 -27.93 -10.50
CA GLU C 114 -7.66 -28.80 -9.49
C GLU C 114 -6.50 -28.10 -8.77
N VAL C 115 -5.62 -27.44 -9.52
CA VAL C 115 -4.52 -26.69 -8.94
C VAL C 115 -5.07 -25.60 -8.02
N TRP C 116 -6.01 -24.83 -8.52
CA TRP C 116 -6.57 -23.74 -7.70
C TRP C 116 -7.21 -24.27 -6.44
N ASP C 117 -7.96 -25.35 -6.56
CA ASP C 117 -8.62 -25.93 -5.40
C ASP C 117 -7.65 -26.33 -4.31
N LYS C 118 -6.56 -26.98 -4.71
CA LYS C 118 -5.56 -27.42 -3.75
C LYS C 118 -4.88 -26.24 -3.07
N ILE C 119 -4.47 -25.25 -3.87
CA ILE C 119 -3.81 -24.08 -3.30
C ILE C 119 -4.72 -23.31 -2.38
N LEU C 120 -5.97 -23.08 -2.78
CA LEU C 120 -6.87 -22.30 -1.95
C LEU C 120 -7.24 -23.05 -0.70
N HIS C 121 -7.33 -24.37 -0.78
CA HIS C 121 -7.68 -25.14 0.40
C HIS C 121 -6.58 -25.14 1.46
N VAL C 122 -5.34 -25.45 1.06
CA VAL C 122 -4.27 -25.53 2.05
C VAL C 122 -3.80 -24.13 2.47
N ASN C 123 -3.71 -23.21 1.52
CA ASN C 123 -3.04 -21.96 1.83
C ASN C 123 -3.94 -20.94 2.47
N VAL C 124 -5.23 -20.96 2.14
CA VAL C 124 -6.19 -19.94 2.60
C VAL C 124 -7.21 -20.55 3.55
N LYS C 125 -8.01 -21.50 3.09
CA LYS C 125 -9.04 -22.07 3.95
C LYS C 125 -8.48 -22.73 5.19
N ALA C 126 -7.43 -23.52 5.04
CA ALA C 126 -6.89 -24.23 6.21
C ALA C 126 -6.42 -23.23 7.27
N THR C 127 -5.94 -22.06 6.83
CA THR C 127 -5.50 -21.05 7.77
C THR C 127 -6.65 -20.53 8.63
N VAL C 128 -7.78 -20.20 8.01
CA VAL C 128 -8.89 -19.68 8.77
C VAL C 128 -9.53 -20.79 9.61
N LEU C 129 -9.55 -22.01 9.08
CA LEU C 129 -10.13 -23.14 9.84
C LEU C 129 -9.28 -23.50 11.04
N MET C 130 -7.97 -23.44 10.90
CA MET C 130 -7.07 -23.60 12.02
C MET C 130 -7.26 -22.52 13.07
N THR C 131 -7.44 -21.27 12.62
CA THR C 131 -7.72 -20.19 13.54
C THR C 131 -9.03 -20.42 14.31
N LYS C 132 -10.08 -20.83 13.60
CA LYS C 132 -11.35 -21.15 14.24
C LYS C 132 -11.18 -22.19 15.34
N ALA C 133 -10.33 -23.18 15.07
CA ALA C 133 -10.09 -24.28 16.02
C ALA C 133 -9.44 -23.79 17.32
N VAL C 134 -8.60 -22.78 17.25
CA VAL C 134 -7.92 -22.30 18.44
C VAL C 134 -8.61 -21.18 19.19
N VAL C 135 -9.50 -20.46 18.54
CA VAL C 135 -10.11 -19.29 19.17
C VAL C 135 -10.78 -19.58 20.54
N PRO C 136 -11.64 -20.59 20.65
CA PRO C 136 -12.25 -20.91 21.96
C PRO C 136 -11.25 -21.18 23.05
N GLU C 137 -10.14 -21.86 22.73
CA GLU C 137 -9.10 -22.06 23.71
C GLU C 137 -8.40 -20.79 24.13
N MET C 138 -8.13 -19.89 23.17
CA MET C 138 -7.52 -18.62 23.53
C MET C 138 -8.45 -17.79 24.40
N GLU C 139 -9.75 -17.86 24.13
CA GLU C 139 -10.72 -17.13 24.96
C GLU C 139 -10.65 -17.58 26.42
N LYS C 140 -10.50 -18.88 26.64
CA LYS C 140 -10.37 -19.39 28.01
C LYS C 140 -9.12 -18.84 28.73
N ARG C 141 -8.11 -18.43 27.95
CA ARG C 141 -6.88 -17.86 28.50
C ARG C 141 -6.89 -16.34 28.63
N GLY C 142 -7.98 -15.69 28.19
CA GLY C 142 -8.11 -14.25 28.25
C GLY C 142 -7.54 -13.54 27.03
N GLY C 143 -7.26 -14.31 25.98
CA GLY C 143 -6.70 -13.75 24.76
C GLY C 143 -5.60 -14.61 24.20
N GLY C 144 -5.02 -14.16 23.09
CA GLY C 144 -3.92 -14.88 22.49
C GLY C 144 -3.43 -14.17 21.25
N SER C 145 -2.56 -14.84 20.51
CA SER C 145 -1.89 -14.28 19.34
C SER C 145 -1.93 -15.30 18.22
N VAL C 146 -2.22 -14.83 17.01
CA VAL C 146 -2.16 -15.63 15.80
C VAL C 146 -1.19 -14.95 14.86
N LEU C 147 -0.31 -15.72 14.24
CA LEU C 147 0.63 -15.19 13.22
C LEU C 147 0.47 -16.07 11.98
N ILE C 148 0.15 -15.44 10.85
CA ILE C 148 -0.01 -16.09 9.57
C ILE C 148 1.22 -15.82 8.72
N VAL C 149 1.76 -16.85 8.06
CA VAL C 149 2.91 -16.68 7.20
C VAL C 149 2.46 -16.54 5.74
N SER C 150 2.69 -15.36 5.18
CA SER C 150 2.41 -15.09 3.78
C SER C 150 3.74 -15.07 3.04
N SER C 151 4.00 -14.06 2.22
CA SER C 151 5.19 -14.01 1.35
C SER C 151 5.29 -12.64 0.77
N VAL C 152 6.50 -12.16 0.49
CA VAL C 152 6.64 -10.91 -0.25
C VAL C 152 6.01 -11.03 -1.64
N GLY C 153 5.84 -12.25 -2.16
CA GLY C 153 5.14 -12.49 -3.41
C GLY C 153 3.69 -12.00 -3.39
N ALA C 154 3.13 -11.82 -2.21
CA ALA C 154 1.79 -11.21 -2.06
C ALA C 154 1.75 -9.79 -2.58
N TYR C 155 2.89 -9.08 -2.53
CA TYR C 155 3.02 -7.70 -2.99
C TYR C 155 3.65 -7.63 -4.38
N HIS C 156 4.70 -8.41 -4.61
CA HIS C 156 5.48 -8.45 -5.88
C HIS C 156 5.62 -9.88 -6.33
N PRO C 157 4.77 -10.36 -7.24
CA PRO C 157 4.66 -11.80 -7.51
C PRO C 157 5.94 -12.50 -8.06
N PHE C 158 6.26 -13.68 -7.57
CA PHE C 158 7.36 -14.46 -8.14
C PHE C 158 6.99 -15.00 -9.54
N PRO C 159 7.89 -14.96 -10.51
CA PRO C 159 7.59 -15.53 -11.84
C PRO C 159 7.23 -16.99 -11.73
N ASN C 160 6.24 -17.42 -12.53
CA ASN C 160 5.82 -18.82 -12.62
C ASN C 160 5.07 -19.33 -11.43
N LEU C 161 4.84 -18.49 -10.42
CA LEU C 161 4.14 -18.94 -9.20
C LEU C 161 2.84 -18.17 -8.96
N GLY C 162 2.15 -17.84 -10.04
CA GLY C 162 0.96 -17.00 -9.96
C GLY C 162 -0.10 -17.47 -8.97
N PRO C 163 -0.61 -18.69 -9.06
CA PRO C 163 -1.67 -19.11 -8.14
C PRO C 163 -1.23 -19.06 -6.68
N TYR C 164 -0.01 -19.48 -6.44
CA TYR C 164 0.58 -19.37 -5.11
C TYR C 164 0.63 -17.90 -4.63
N ASN C 165 1.11 -17.03 -5.49
CA ASN C 165 1.21 -15.59 -5.18
C ASN C 165 -0.19 -15.03 -4.79
N VAL C 166 -1.20 -15.41 -5.56
CA VAL C 166 -2.57 -14.95 -5.30
C VAL C 166 -3.03 -15.41 -3.93
N SER C 167 -2.74 -16.66 -3.58
CA SER C 167 -3.13 -17.18 -2.25
C SER C 167 -2.44 -16.38 -1.15
N LYS C 168 -1.20 -15.96 -1.40
CA LYS C 168 -0.47 -15.17 -0.41
C LYS C 168 -1.06 -13.78 -0.29
N THR C 169 -1.49 -13.16 -1.38
CA THR C 169 -2.20 -11.90 -1.27
C THR C 169 -3.49 -12.03 -0.45
N ALA C 170 -4.21 -13.12 -0.66
CA ALA C 170 -5.45 -13.35 0.09
C ALA C 170 -5.16 -13.39 1.59
N LEU C 171 -4.00 -13.94 1.97
CA LEU C 171 -3.62 -13.97 3.40
C LEU C 171 -3.42 -12.62 4.02
N LEU C 172 -2.99 -11.61 3.25
CA LEU C 172 -2.90 -10.23 3.76
C LEU C 172 -4.29 -9.78 4.17
N GLY C 173 -5.29 -10.05 3.32
CA GLY C 173 -6.66 -9.71 3.62
C GLY C 173 -7.20 -10.51 4.79
N LEU C 174 -6.85 -11.78 4.84
CA LEU C 174 -7.34 -12.62 5.93
C LEU C 174 -6.82 -12.09 7.26
N THR C 175 -5.55 -11.72 7.31
CA THR C 175 -4.95 -11.15 8.51
C THR C 175 -5.71 -9.93 8.99
N LYS C 176 -5.97 -9.00 8.08
CA LYS C 176 -6.70 -7.79 8.44
C LYS C 176 -8.11 -8.08 8.96
N ASN C 177 -8.83 -8.95 8.27
CA ASN C 177 -10.17 -9.25 8.69
C ASN C 177 -10.21 -9.98 10.03
N LEU C 178 -9.32 -10.94 10.23
CA LEU C 178 -9.26 -11.64 11.53
C LEU C 178 -8.87 -10.66 12.62
N ALA C 179 -7.94 -9.75 12.37
CA ALA C 179 -7.54 -8.82 13.41
C ALA C 179 -8.68 -7.94 13.89
N VAL C 180 -9.50 -7.45 12.95
CA VAL C 180 -10.68 -6.66 13.32
C VAL C 180 -11.71 -7.50 14.08
N GLU C 181 -11.98 -8.68 13.57
CA GLU C 181 -13.10 -9.46 14.07
C GLU C 181 -12.80 -10.18 15.34
N LEU C 182 -11.51 -10.41 15.65
CA LEU C 182 -11.13 -11.08 16.89
C LEU C 182 -10.65 -10.14 17.98
N ALA C 183 -10.52 -8.85 17.67
CA ALA C 183 -10.12 -7.87 18.69
C ALA C 183 -11.00 -7.87 19.92
N PRO C 184 -12.33 -8.00 19.79
CA PRO C 184 -13.18 -8.07 21.00
C PRO C 184 -12.87 -9.26 21.92
N ARG C 185 -12.26 -10.32 21.39
CA ARG C 185 -11.84 -11.46 22.22
C ARG C 185 -10.38 -11.36 22.71
N ASN C 186 -9.77 -10.21 22.45
CA ASN C 186 -8.40 -9.95 22.88
C ASN C 186 -7.40 -10.90 22.22
N ILE C 187 -7.67 -11.23 20.96
CA ILE C 187 -6.78 -12.04 20.15
C ILE C 187 -6.19 -11.13 19.05
N ARG C 188 -4.87 -11.04 19.05
CA ARG C 188 -4.15 -10.26 18.04
C ARG C 188 -3.83 -11.17 16.86
N VAL C 189 -3.85 -10.63 15.65
CA VAL C 189 -3.55 -11.38 14.43
C VAL C 189 -2.61 -10.55 13.57
N ASN C 190 -1.45 -11.12 13.25
CA ASN C 190 -0.40 -10.45 12.45
C ASN C 190 0.11 -11.45 11.43
N CYS C 191 0.96 -10.95 10.54
CA CYS C 191 1.43 -11.70 9.41
C CYS C 191 2.92 -11.44 9.19
N LEU C 192 3.62 -12.53 8.87
CA LEU C 192 5.02 -12.50 8.43
C LEU C 192 5.05 -12.74 6.93
N ALA C 193 5.73 -11.85 6.18
CA ALA C 193 5.88 -12.02 4.75
C ALA C 193 7.36 -12.18 4.42
N PRO C 194 7.86 -13.40 4.36
CA PRO C 194 9.29 -13.59 4.05
C PRO C 194 9.59 -13.26 2.61
N GLY C 195 10.81 -12.80 2.39
CA GLY C 195 11.37 -12.60 1.06
C GLY C 195 12.00 -13.88 0.57
N LEU C 196 13.22 -13.79 0.03
CA LEU C 196 13.89 -14.94 -0.52
C LEU C 196 14.69 -15.59 0.60
N ILE C 197 14.12 -16.61 1.20
CA ILE C 197 14.73 -17.36 2.30
C ILE C 197 15.18 -18.69 1.75
N LYS C 198 16.42 -19.05 2.03
CA LYS C 198 16.93 -20.36 1.60
C LYS C 198 16.21 -21.50 2.32
N THR C 199 15.32 -22.20 1.63
CA THR C 199 14.66 -23.41 2.15
C THR C 199 14.41 -24.38 0.99
N ASN C 200 14.00 -25.60 1.34
CA ASN C 200 13.65 -26.61 0.34
C ASN C 200 12.54 -26.12 -0.58
N PHE C 201 11.53 -25.49 0.02
CA PHE C 201 10.36 -24.98 -0.71
C PHE C 201 10.72 -23.95 -1.78
N SER C 202 11.70 -23.10 -1.49
CA SER C 202 12.07 -22.02 -2.40
C SER C 202 13.28 -22.33 -3.31
N GLN C 203 13.75 -23.57 -3.28
CA GLN C 203 14.97 -23.97 -3.99
C GLN C 203 15.03 -23.59 -5.46
N VAL C 204 13.87 -23.57 -6.13
CA VAL C 204 13.85 -23.34 -7.58
C VAL C 204 14.31 -21.92 -7.94
N LEU C 205 14.10 -20.98 -7.01
CA LEU C 205 14.49 -19.58 -7.20
C LEU C 205 15.98 -19.32 -7.01
N TRP C 206 16.70 -20.24 -6.35
CA TRP C 206 18.15 -20.10 -6.14
C TRP C 206 18.88 -21.41 -6.44
N MET C 207 18.65 -21.96 -7.64
CA MET C 207 19.17 -23.29 -8.01
C MET C 207 20.71 -23.32 -7.99
N ASP C 208 21.35 -22.80 -9.04
CA ASP C 208 22.79 -22.84 -9.20
C ASP C 208 23.35 -21.42 -9.03
N LYS C 209 24.64 -21.23 -9.33
CA LYS C 209 25.29 -19.92 -9.13
C LYS C 209 24.82 -18.85 -10.12
N ALA C 210 24.24 -19.27 -11.26
CA ALA C 210 23.72 -18.34 -12.24
C ALA C 210 22.40 -17.72 -11.79
N ARG C 211 21.51 -18.55 -11.24
CA ARG C 211 20.19 -18.09 -10.80
C ARG C 211 20.20 -17.45 -9.40
N LYS C 212 21.28 -17.67 -8.66
CA LYS C 212 21.40 -17.14 -7.29
C LYS C 212 21.89 -15.68 -7.34
N GLU C 213 22.96 -15.45 -8.10
CA GLU C 213 23.52 -14.10 -8.26
C GLU C 213 22.62 -13.23 -9.13
N TYR C 214 21.84 -13.86 -10.01
CA TYR C 214 20.87 -13.16 -10.84
C TYR C 214 19.71 -12.63 -10.00
N MET C 215 19.15 -13.48 -9.14
CA MET C 215 18.00 -13.13 -8.32
C MET C 215 18.37 -12.19 -7.16
N LYS C 216 19.67 -12.09 -6.84
CA LYS C 216 20.14 -11.11 -5.88
C LYS C 216 20.14 -9.73 -6.51
N GLU C 217 20.58 -9.64 -7.77
CA GLU C 217 20.53 -8.39 -8.52
C GLU C 217 19.09 -8.01 -8.86
N SER C 218 18.28 -9.02 -9.18
CA SER C 218 16.89 -8.81 -9.60
C SER C 218 16.01 -8.35 -8.44
N LEU C 219 16.26 -8.90 -7.25
CA LEU C 219 15.47 -8.57 -6.07
C LEU C 219 16.12 -7.45 -5.23
N ARG C 220 17.34 -7.06 -5.61
CA ARG C 220 18.09 -5.97 -4.94
C ARG C 220 18.43 -6.27 -3.46
N ILE C 221 19.00 -7.44 -3.24
CA ILE C 221 19.40 -7.90 -1.92
C ILE C 221 20.89 -8.23 -1.89
N ARG C 222 21.50 -8.13 -0.72
CA ARG C 222 22.93 -8.45 -0.58
C ARG C 222 23.21 -9.90 -0.23
N ARG C 223 22.22 -10.59 0.32
CA ARG C 223 22.32 -12.00 0.60
C ARG C 223 20.93 -12.61 0.60
N LEU C 224 20.86 -13.92 0.48
CA LEU C 224 19.62 -14.65 0.73
C LEU C 224 19.39 -14.71 2.24
N GLY C 225 18.13 -14.75 2.63
CA GLY C 225 17.78 -14.95 4.02
C GLY C 225 17.95 -16.39 4.44
N ASN C 226 18.03 -16.56 5.75
CA ASN C 226 18.04 -17.87 6.41
C ASN C 226 16.77 -17.98 7.24
N PRO C 227 16.24 -19.18 7.47
CA PRO C 227 15.03 -19.32 8.27
C PRO C 227 15.06 -18.59 9.63
N GLU C 228 16.19 -18.60 10.32
CA GLU C 228 16.31 -17.91 11.61
C GLU C 228 16.12 -16.39 11.51
N ASP C 229 16.33 -15.82 10.32
CA ASP C 229 16.08 -14.38 10.09
C ASP C 229 14.62 -13.99 10.27
N CYS C 230 13.73 -14.98 10.26
CA CYS C 230 12.29 -14.77 10.45
C CYS C 230 11.83 -15.01 11.87
N ALA C 231 12.66 -15.67 12.66
CA ALA C 231 12.17 -16.17 13.95
C ALA C 231 11.99 -15.12 15.02
N GLY C 232 12.87 -14.14 15.11
CA GLY C 232 12.79 -13.12 16.14
C GLY C 232 11.56 -12.25 16.05
N ILE C 233 11.19 -11.85 14.84
CA ILE C 233 10.01 -11.01 14.71
C ILE C 233 8.77 -11.77 15.09
N VAL C 234 8.70 -13.04 14.75
CA VAL C 234 7.54 -13.84 15.07
C VAL C 234 7.42 -14.02 16.59
N SER C 235 8.51 -14.32 17.26
CA SER C 235 8.48 -14.46 18.72
C SER C 235 8.08 -13.16 19.38
N PHE C 236 8.60 -12.06 18.88
CA PHE C 236 8.22 -10.75 19.38
C PHE C 236 6.72 -10.50 19.23
N LEU C 237 6.20 -10.75 18.04
CA LEU C 237 4.79 -10.45 17.76
C LEU C 237 3.85 -11.35 18.56
N CYS C 238 4.33 -12.53 18.95
CA CYS C 238 3.51 -13.47 19.74
C CYS C 238 3.58 -13.17 21.23
N SER C 239 4.40 -12.21 21.63
CA SER C 239 4.62 -11.86 23.03
C SER C 239 3.76 -10.69 23.47
N GLU C 240 3.55 -10.56 24.77
CA GLU C 240 2.75 -9.47 25.31
C GLU C 240 3.41 -8.10 25.16
N ASP C 241 4.70 -8.08 24.84
CA ASP C 241 5.40 -6.84 24.53
C ASP C 241 4.91 -6.21 23.22
N ALA C 242 4.23 -7.03 22.42
CA ALA C 242 3.60 -6.56 21.17
C ALA C 242 2.08 -6.36 21.32
N SER C 243 1.62 -6.08 22.53
CA SER C 243 0.17 -6.02 22.77
C SER C 243 -0.57 -4.92 22.03
N TYR C 244 0.11 -3.91 21.53
CA TYR C 244 -0.52 -2.85 20.74
C TYR C 244 -0.28 -3.04 19.25
N ILE C 245 0.14 -4.23 18.84
CA ILE C 245 0.34 -4.53 17.42
C ILE C 245 -0.61 -5.63 16.97
N THR C 246 -1.53 -5.29 16.10
CA THR C 246 -2.45 -6.24 15.51
C THR C 246 -2.80 -5.75 14.12
N GLY C 247 -3.14 -6.71 13.25
CA GLY C 247 -3.45 -6.41 11.87
C GLY C 247 -2.28 -6.01 11.03
N GLU C 248 -1.07 -6.34 11.45
CA GLU C 248 0.15 -5.88 10.80
C GLU C 248 0.82 -7.01 10.05
N THR C 249 1.35 -6.68 8.88
CA THR C 249 2.27 -7.57 8.15
C THR C 249 3.67 -7.01 8.22
N VAL C 250 4.63 -7.84 8.59
CA VAL C 250 6.05 -7.48 8.61
C VAL C 250 6.78 -8.25 7.54
N VAL C 251 7.43 -7.53 6.62
CA VAL C 251 8.25 -8.16 5.59
C VAL C 251 9.65 -8.38 6.12
N VAL C 252 10.14 -9.60 5.89
CA VAL C 252 11.52 -9.96 6.23
C VAL C 252 12.17 -10.35 4.93
N GLY C 253 12.73 -9.33 4.26
CA GLY C 253 13.13 -9.50 2.88
C GLY C 253 14.46 -8.94 2.53
N GLY C 254 15.22 -8.44 3.49
CA GLY C 254 16.57 -8.03 3.23
C GLY C 254 16.74 -6.86 2.29
N GLY C 255 15.69 -6.09 2.13
CA GLY C 255 15.66 -4.91 1.30
C GLY C 255 14.97 -5.09 -0.02
N THR C 256 14.54 -6.30 -0.34
CA THR C 256 13.73 -6.50 -1.53
C THR C 256 12.45 -5.66 -1.47
N ALA C 257 11.95 -5.22 -2.63
CA ALA C 257 10.79 -4.36 -2.65
C ALA C 257 9.56 -5.05 -2.09
N SER C 258 8.75 -4.27 -1.41
CA SER C 258 7.48 -4.77 -0.91
C SER C 258 6.42 -3.69 -1.06
N ARG C 259 6.31 -2.79 -0.10
CA ARG C 259 5.29 -1.73 -0.13
C ARG C 259 5.60 -0.60 0.84
N LEU C 260 5.03 0.59 0.64
CA LEU C 260 5.23 1.68 1.60
C LEU C 260 4.70 1.33 3.00
N LYS D 10 -16.55 7.84 -30.18
CA LYS D 10 -16.63 6.38 -29.95
C LYS D 10 -15.24 5.76 -29.78
N PRO D 11 -14.72 5.86 -28.56
CA PRO D 11 -13.42 5.27 -28.23
C PRO D 11 -13.36 3.75 -28.28
N LEU D 12 -14.51 3.08 -28.27
CA LEU D 12 -14.57 1.62 -28.39
C LEU D 12 -15.25 1.14 -29.66
N GLU D 13 -15.25 1.99 -30.69
CA GLU D 13 -15.90 1.61 -31.95
C GLU D 13 -15.38 0.27 -32.50
N ASN D 14 -16.31 -0.62 -32.83
CA ASN D 14 -16.00 -1.92 -33.45
C ASN D 14 -15.40 -2.93 -32.46
N LYS D 15 -15.27 -2.56 -31.19
CA LYS D 15 -14.70 -3.51 -30.23
C LYS D 15 -15.81 -4.41 -29.72
N VAL D 16 -15.44 -5.58 -29.22
CA VAL D 16 -16.39 -6.56 -28.74
C VAL D 16 -16.10 -6.82 -27.26
N ALA D 17 -17.11 -6.63 -26.42
CA ALA D 17 -16.96 -6.77 -24.97
C ALA D 17 -17.91 -7.79 -24.37
N LEU D 18 -17.40 -8.60 -23.46
CA LEU D 18 -18.18 -9.44 -22.56
C LEU D 18 -18.18 -8.78 -21.19
N VAL D 19 -19.34 -8.65 -20.58
CA VAL D 19 -19.45 -8.17 -19.22
C VAL D 19 -20.22 -9.21 -18.46
N THR D 20 -19.59 -9.87 -17.52
CA THR D 20 -20.32 -10.84 -16.74
C THR D 20 -21.18 -10.15 -15.70
N ALA D 21 -22.21 -10.84 -15.23
CA ALA D 21 -23.08 -10.30 -14.20
C ALA D 21 -23.56 -8.88 -14.50
N SER D 22 -24.16 -8.71 -15.67
CA SER D 22 -24.43 -7.39 -16.23
C SER D 22 -25.91 -7.11 -16.46
N THR D 23 -26.77 -7.69 -15.62
CA THR D 23 -28.21 -7.46 -15.73
C THR D 23 -28.74 -6.56 -14.63
N ASP D 24 -27.88 -6.06 -13.74
CA ASP D 24 -28.26 -5.07 -12.75
C ASP D 24 -27.00 -4.34 -12.25
N GLY D 25 -27.22 -3.23 -11.57
CA GLY D 25 -26.15 -2.61 -10.81
C GLY D 25 -24.97 -2.18 -11.64
N ILE D 26 -23.78 -2.38 -11.05
CA ILE D 26 -22.55 -1.92 -11.66
C ILE D 26 -22.31 -2.55 -13.03
N GLY D 27 -22.54 -3.86 -13.12
CA GLY D 27 -22.39 -4.58 -14.36
C GLY D 27 -23.23 -4.03 -15.49
N LEU D 28 -24.48 -3.75 -15.18
CA LEU D 28 -25.38 -3.11 -16.14
C LEU D 28 -24.87 -1.71 -16.55
N ALA D 29 -24.44 -0.89 -15.59
CA ALA D 29 -23.93 0.44 -15.91
C ALA D 29 -22.69 0.34 -16.81
N ILE D 30 -21.84 -0.62 -16.55
CA ILE D 30 -20.66 -0.81 -17.38
C ILE D 30 -21.04 -1.22 -18.80
N ALA D 31 -21.94 -2.18 -18.90
CA ALA D 31 -22.36 -2.66 -20.21
C ALA D 31 -23.01 -1.54 -21.02
N ARG D 32 -23.87 -0.73 -20.36
CA ARG D 32 -24.50 0.39 -21.04
C ARG D 32 -23.45 1.35 -21.59
N ARG D 33 -22.46 1.69 -20.75
CA ARG D 33 -21.46 2.67 -21.14
C ARG D 33 -20.56 2.15 -22.26
N LEU D 34 -20.14 0.89 -22.18
CA LEU D 34 -19.28 0.33 -23.22
C LEU D 34 -20.02 0.42 -24.56
N ALA D 35 -21.29 0.07 -24.53
CA ALA D 35 -22.09 0.11 -25.78
C ALA D 35 -22.30 1.55 -26.28
N GLN D 36 -22.53 2.51 -25.36
CA GLN D 36 -22.64 3.92 -25.72
C GLN D 36 -21.34 4.41 -26.34
N ASP D 37 -20.21 3.85 -25.92
CA ASP D 37 -18.90 4.24 -26.43
C ASP D 37 -18.49 3.46 -27.67
N GLY D 38 -19.40 2.67 -28.22
CA GLY D 38 -19.21 2.08 -29.54
C GLY D 38 -19.05 0.59 -29.59
N ALA D 39 -18.92 -0.07 -28.44
CA ALA D 39 -18.68 -1.51 -28.41
C ALA D 39 -19.94 -2.33 -28.71
N HIS D 40 -19.74 -3.51 -29.28
CA HIS D 40 -20.74 -4.56 -29.31
C HIS D 40 -20.58 -5.29 -28.00
N VAL D 41 -21.65 -5.38 -27.23
CA VAL D 41 -21.60 -5.95 -25.89
C VAL D 41 -22.49 -7.16 -25.79
N VAL D 42 -21.98 -8.22 -25.17
CA VAL D 42 -22.78 -9.36 -24.74
C VAL D 42 -22.95 -9.32 -23.25
N VAL D 43 -24.18 -9.12 -22.78
CA VAL D 43 -24.51 -9.19 -21.37
C VAL D 43 -24.93 -10.59 -20.97
N SER D 44 -24.84 -10.89 -19.69
CA SER D 44 -25.20 -12.20 -19.18
C SER D 44 -25.37 -12.16 -17.70
N SER D 45 -26.11 -13.12 -17.18
CA SER D 45 -26.20 -13.40 -15.75
C SER D 45 -26.89 -14.75 -15.60
N ARG D 46 -27.24 -15.15 -14.37
CA ARG D 46 -27.80 -16.50 -14.16
C ARG D 46 -29.21 -16.73 -14.70
N LYS D 47 -30.07 -15.72 -14.58
CA LYS D 47 -31.52 -15.87 -14.87
C LYS D 47 -31.88 -15.31 -16.24
N GLN D 48 -32.49 -16.13 -17.08
CA GLN D 48 -32.96 -15.72 -18.39
C GLN D 48 -33.85 -14.48 -18.34
N GLU D 49 -34.73 -14.38 -17.34
CA GLU D 49 -35.63 -13.24 -17.18
C GLU D 49 -34.86 -11.91 -17.04
N ASN D 50 -33.77 -11.96 -16.29
CA ASN D 50 -32.94 -10.76 -16.06
C ASN D 50 -32.15 -10.39 -17.31
N VAL D 51 -31.66 -11.42 -18.02
CA VAL D 51 -31.04 -11.20 -19.33
C VAL D 51 -32.01 -10.55 -20.33
N ASP D 52 -33.23 -11.09 -20.41
CA ASP D 52 -34.20 -10.60 -21.38
C ASP D 52 -34.58 -9.14 -21.11
N ARG D 53 -34.78 -8.82 -19.84
CA ARG D 53 -35.12 -7.45 -19.43
C ARG D 53 -33.98 -6.50 -19.83
N THR D 54 -32.74 -6.90 -19.57
CA THR D 54 -31.60 -6.04 -19.82
C THR D 54 -31.36 -5.82 -21.30
N VAL D 55 -31.45 -6.89 -22.09
CA VAL D 55 -31.25 -6.76 -23.52
C VAL D 55 -32.33 -5.87 -24.14
N ALA D 56 -33.59 -6.05 -23.71
CA ALA D 56 -34.67 -5.20 -24.18
C ALA D 56 -34.45 -3.73 -23.88
N THR D 57 -34.00 -3.44 -22.65
CA THR D 57 -33.75 -2.06 -22.27
C THR D 57 -32.68 -1.44 -23.11
N LEU D 58 -31.54 -2.12 -23.21
CA LEU D 58 -30.41 -1.55 -23.89
C LEU D 58 -30.58 -1.48 -25.41
N GLN D 59 -31.23 -2.49 -26.00
CA GLN D 59 -31.56 -2.43 -27.43
C GLN D 59 -32.53 -1.30 -27.69
N GLY D 60 -33.43 -1.05 -26.73
CA GLY D 60 -34.37 0.06 -26.80
C GLY D 60 -33.71 1.43 -26.80
N GLU D 61 -32.51 1.50 -26.23
CA GLU D 61 -31.70 2.73 -26.29
C GLU D 61 -30.83 2.84 -27.53
N GLY D 62 -31.00 1.94 -28.51
CA GLY D 62 -30.23 1.99 -29.74
C GLY D 62 -28.86 1.35 -29.65
N LEU D 63 -28.63 0.54 -28.63
CA LEU D 63 -27.28 0.03 -28.37
C LEU D 63 -27.08 -1.37 -28.95
N SER D 64 -25.84 -1.70 -29.33
CA SER D 64 -25.53 -2.99 -29.95
C SER D 64 -25.25 -3.97 -28.85
N VAL D 65 -26.30 -4.54 -28.29
CA VAL D 65 -26.28 -5.43 -27.17
C VAL D 65 -27.09 -6.70 -27.45
N THR D 66 -26.52 -7.86 -27.14
CA THR D 66 -27.23 -9.13 -27.06
C THR D 66 -26.89 -9.77 -25.72
N GLY D 67 -27.50 -10.89 -25.40
CA GLY D 67 -27.34 -11.49 -24.10
C GLY D 67 -27.56 -12.97 -24.08
N THR D 68 -27.06 -13.61 -23.05
CA THR D 68 -27.25 -15.05 -22.84
C THR D 68 -27.14 -15.34 -21.37
N VAL D 69 -27.66 -16.48 -20.93
CA VAL D 69 -27.46 -16.93 -19.56
C VAL D 69 -26.02 -17.43 -19.44
N CYS D 70 -25.32 -16.95 -18.41
CA CYS D 70 -24.03 -17.47 -18.03
C CYS D 70 -23.87 -17.35 -16.50
N HIS D 71 -23.90 -18.47 -15.82
CA HIS D 71 -23.48 -18.56 -14.42
C HIS D 71 -21.97 -18.76 -14.48
N VAL D 72 -21.22 -17.76 -14.02
CA VAL D 72 -19.77 -17.79 -14.18
C VAL D 72 -19.06 -18.96 -13.53
N GLY D 73 -19.69 -19.59 -12.55
CA GLY D 73 -19.10 -20.74 -11.91
C GLY D 73 -19.20 -22.05 -12.68
N LYS D 74 -19.88 -22.05 -13.82
CA LYS D 74 -20.03 -23.26 -14.63
C LYS D 74 -19.15 -23.17 -15.85
N ALA D 75 -18.27 -24.15 -16.03
CA ALA D 75 -17.34 -24.13 -17.14
C ALA D 75 -18.05 -24.10 -18.50
N GLU D 76 -19.13 -24.87 -18.61
CA GLU D 76 -19.91 -24.90 -19.85
C GLU D 76 -20.49 -23.53 -20.20
N ASP D 77 -20.95 -22.81 -19.19
CA ASP D 77 -21.54 -21.49 -19.38
C ASP D 77 -20.49 -20.49 -19.83
N ARG D 78 -19.31 -20.57 -19.24
CA ARG D 78 -18.21 -19.68 -19.61
C ARG D 78 -17.80 -19.92 -21.06
N GLU D 79 -17.68 -21.19 -21.44
CA GLU D 79 -17.28 -21.57 -22.78
C GLU D 79 -18.29 -21.10 -23.83
N ARG D 80 -19.56 -21.25 -23.48
CA ARG D 80 -20.63 -20.87 -24.39
C ARG D 80 -20.74 -19.37 -24.53
N LEU D 81 -20.42 -18.63 -23.47
CA LEU D 81 -20.45 -17.17 -23.54
C LEU D 81 -19.40 -16.66 -24.52
N VAL D 82 -18.17 -17.17 -24.41
CA VAL D 82 -17.12 -16.73 -25.32
C VAL D 82 -17.47 -17.14 -26.76
N ALA D 83 -17.96 -18.36 -26.93
CA ALA D 83 -18.31 -18.86 -28.26
C ALA D 83 -19.41 -17.99 -28.87
N MET D 84 -20.34 -17.52 -28.05
CA MET D 84 -21.38 -16.62 -28.53
C MET D 84 -20.79 -15.33 -29.07
N ALA D 85 -19.89 -14.68 -28.32
CA ALA D 85 -19.26 -13.48 -28.84
C ALA D 85 -18.48 -13.71 -30.13
N VAL D 86 -17.78 -14.84 -30.20
CA VAL D 86 -16.98 -15.18 -31.36
C VAL D 86 -17.91 -15.40 -32.56
N ASN D 87 -19.03 -16.08 -32.33
CA ASN D 87 -19.99 -16.35 -33.42
C ASN D 87 -20.68 -15.06 -33.90
N LEU D 88 -21.12 -14.24 -32.95
CA LEU D 88 -21.80 -13.01 -33.32
C LEU D 88 -20.91 -11.99 -33.98
N HIS D 89 -19.70 -11.81 -33.42
CA HIS D 89 -18.91 -10.64 -33.76
C HIS D 89 -17.53 -10.88 -34.30
N GLY D 90 -17.10 -12.15 -34.26
CA GLY D 90 -15.84 -12.58 -34.84
C GLY D 90 -14.65 -12.63 -33.90
N GLY D 91 -14.85 -12.28 -32.64
CA GLY D 91 -13.76 -12.27 -31.66
C GLY D 91 -14.16 -11.53 -30.40
N VAL D 92 -13.20 -11.40 -29.50
CA VAL D 92 -13.38 -10.71 -28.21
C VAL D 92 -12.20 -9.77 -27.98
N ASP D 93 -12.49 -8.51 -27.62
CA ASP D 93 -11.48 -7.49 -27.31
C ASP D 93 -11.39 -7.17 -25.82
N ILE D 94 -12.51 -7.25 -25.12
CA ILE D 94 -12.65 -6.76 -23.77
C ILE D 94 -13.42 -7.77 -22.93
N LEU D 95 -12.92 -8.04 -21.74
CA LEU D 95 -13.66 -8.80 -20.73
C LEU D 95 -13.74 -7.95 -19.48
N VAL D 96 -14.94 -7.71 -19.02
CA VAL D 96 -15.19 -7.16 -17.69
C VAL D 96 -15.76 -8.29 -16.83
N SER D 97 -15.02 -8.67 -15.80
CA SER D 97 -15.40 -9.73 -14.90
C SER D 97 -15.96 -9.09 -13.65
N ASN D 98 -17.28 -9.22 -13.45
CA ASN D 98 -18.03 -8.46 -12.45
C ASN D 98 -18.79 -9.32 -11.45
N ALA D 99 -18.86 -10.62 -11.69
CA ALA D 99 -19.70 -11.47 -10.83
C ALA D 99 -19.13 -11.60 -9.44
N ALA D 100 -20.00 -11.74 -8.46
CA ALA D 100 -19.58 -12.05 -7.10
C ALA D 100 -20.76 -12.67 -6.39
N VAL D 101 -20.44 -13.43 -5.35
CA VAL D 101 -21.44 -13.99 -4.46
C VAL D 101 -21.03 -13.70 -3.02
N ASN D 102 -22.00 -13.57 -2.16
CA ASN D 102 -21.75 -13.49 -0.73
C ASN D 102 -22.88 -14.10 0.08
N PRO D 103 -22.78 -15.39 0.34
CA PRO D 103 -23.84 -16.10 1.09
C PRO D 103 -23.74 -15.95 2.61
N PHE D 104 -23.02 -14.96 3.12
CA PHE D 104 -22.67 -14.92 4.53
C PHE D 104 -22.69 -13.53 5.09
N PHE D 105 -23.20 -13.36 6.30
CA PHE D 105 -23.23 -12.07 6.97
C PHE D 105 -23.04 -12.38 8.45
N GLY D 106 -21.85 -12.15 8.98
CA GLY D 106 -21.55 -12.50 10.34
C GLY D 106 -20.06 -12.39 10.60
N ASN D 107 -19.61 -12.88 11.74
CA ASN D 107 -18.20 -12.91 12.07
C ASN D 107 -17.48 -13.93 11.21
N ILE D 108 -16.36 -13.53 10.60
CA ILE D 108 -15.60 -14.40 9.77
C ILE D 108 -15.25 -15.76 10.37
N ILE D 109 -15.05 -15.80 11.68
CA ILE D 109 -14.64 -17.02 12.33
C ILE D 109 -15.74 -18.10 12.31
N ASP D 110 -16.97 -17.70 12.03
CA ASP D 110 -18.09 -18.63 12.00
C ASP D 110 -18.49 -19.17 10.64
N ALA D 111 -17.88 -18.67 9.58
CA ALA D 111 -18.15 -19.15 8.24
C ALA D 111 -17.60 -20.56 8.05
N THR D 112 -18.42 -21.45 7.52
CA THR D 112 -18.02 -22.82 7.30
C THR D 112 -17.18 -22.98 6.07
N GLU D 113 -16.57 -24.15 5.94
CA GLU D 113 -15.85 -24.49 4.73
C GLU D 113 -16.69 -24.33 3.47
N GLU D 114 -17.99 -24.66 3.52
CA GLU D 114 -18.81 -24.53 2.35
C GLU D 114 -19.02 -23.07 1.93
N VAL D 115 -19.13 -22.17 2.90
CA VAL D 115 -19.22 -20.73 2.57
C VAL D 115 -17.93 -20.30 1.86
N TRP D 116 -16.78 -20.67 2.40
CA TRP D 116 -15.51 -20.33 1.75
C TRP D 116 -15.44 -20.93 0.34
N ASP D 117 -15.91 -22.16 0.16
CA ASP D 117 -15.80 -22.79 -1.15
C ASP D 117 -16.61 -22.04 -2.21
N LYS D 118 -17.83 -21.64 -1.84
CA LYS D 118 -18.70 -20.90 -2.73
C LYS D 118 -18.08 -19.54 -3.12
N ILE D 119 -17.65 -18.80 -2.10
CA ILE D 119 -17.05 -17.47 -2.31
C ILE D 119 -15.79 -17.55 -3.17
N LEU D 120 -14.89 -18.47 -2.86
CA LEU D 120 -13.64 -18.56 -3.59
C LEU D 120 -13.87 -19.06 -5.02
N HIS D 121 -14.85 -19.94 -5.21
CA HIS D 121 -15.13 -20.44 -6.55
C HIS D 121 -15.66 -19.37 -7.47
N VAL D 122 -16.71 -18.66 -7.05
CA VAL D 122 -17.33 -17.68 -7.92
C VAL D 122 -16.49 -16.40 -7.98
N ASN D 123 -15.95 -15.98 -6.84
CA ASN D 123 -15.31 -14.66 -6.81
C ASN D 123 -13.91 -14.67 -7.33
N VAL D 124 -13.17 -15.77 -7.15
CA VAL D 124 -11.76 -15.82 -7.49
C VAL D 124 -11.52 -16.78 -8.66
N LYS D 125 -11.82 -18.06 -8.50
CA LYS D 125 -11.54 -19.03 -9.53
C LYS D 125 -12.27 -18.70 -10.82
N ALA D 126 -13.55 -18.35 -10.73
CA ALA D 126 -14.30 -18.07 -11.95
C ALA D 126 -13.72 -16.91 -12.73
N THR D 127 -13.14 -15.93 -12.02
CA THR D 127 -12.51 -14.80 -12.65
C THR D 127 -11.31 -15.21 -13.51
N VAL D 128 -10.42 -16.04 -12.93
CA VAL D 128 -9.26 -16.46 -13.69
C VAL D 128 -9.64 -17.40 -14.83
N LEU D 129 -10.65 -18.24 -14.61
CA LEU D 129 -11.08 -19.22 -15.61
C LEU D 129 -11.80 -18.52 -16.74
N MET D 130 -12.53 -17.46 -16.44
CA MET D 130 -13.14 -16.64 -17.49
C MET D 130 -12.07 -15.94 -18.31
N THR D 131 -11.02 -15.45 -17.65
CA THR D 131 -9.92 -14.82 -18.33
C THR D 131 -9.21 -15.82 -19.27
N LYS D 132 -8.94 -17.03 -18.78
CA LYS D 132 -8.34 -18.09 -19.59
C LYS D 132 -9.16 -18.35 -20.84
N ALA D 133 -10.48 -18.31 -20.71
CA ALA D 133 -11.36 -18.56 -21.85
C ALA D 133 -11.27 -17.50 -22.92
N VAL D 134 -11.01 -16.25 -22.56
CA VAL D 134 -10.90 -15.17 -23.54
C VAL D 134 -9.52 -14.93 -24.12
N VAL D 135 -8.48 -15.39 -23.45
CA VAL D 135 -7.13 -15.07 -23.85
C VAL D 135 -6.83 -15.43 -25.31
N PRO D 136 -7.11 -16.66 -25.75
CA PRO D 136 -6.83 -17.01 -27.15
C PRO D 136 -7.55 -16.16 -28.15
N GLU D 137 -8.77 -15.72 -27.81
CA GLU D 137 -9.49 -14.84 -28.71
C GLU D 137 -8.83 -13.46 -28.78
N MET D 138 -8.42 -12.92 -27.64
CA MET D 138 -7.71 -11.64 -27.61
C MET D 138 -6.41 -11.72 -28.39
N GLU D 139 -5.71 -12.83 -28.31
CA GLU D 139 -4.47 -13.01 -29.05
C GLU D 139 -4.69 -12.88 -30.55
N LYS D 140 -5.78 -13.44 -31.04
CA LYS D 140 -6.09 -13.36 -32.47
C LYS D 140 -6.35 -11.92 -32.92
N ARG D 141 -6.75 -11.05 -31.97
CA ARG D 141 -7.05 -9.64 -32.25
C ARG D 141 -5.87 -8.71 -32.04
N GLY D 142 -4.72 -9.26 -31.60
CA GLY D 142 -3.53 -8.46 -31.38
C GLY D 142 -3.41 -7.92 -29.98
N GLY D 143 -4.31 -8.36 -29.11
CA GLY D 143 -4.32 -7.91 -27.73
C GLY D 143 -5.71 -7.70 -27.21
N GLY D 144 -5.80 -7.19 -26.00
CA GLY D 144 -7.10 -6.94 -25.40
C GLY D 144 -7.00 -6.34 -24.01
N SER D 145 -8.14 -6.19 -23.35
CA SER D 145 -8.24 -5.54 -22.04
C SER D 145 -9.13 -6.40 -21.16
N VAL D 146 -8.71 -6.65 -19.93
CA VAL D 146 -9.47 -7.36 -18.91
C VAL D 146 -9.62 -6.38 -17.76
N LEU D 147 -10.82 -6.23 -17.24
CA LEU D 147 -11.08 -5.46 -16.04
C LEU D 147 -11.79 -6.33 -15.04
N ILE D 148 -11.23 -6.45 -13.83
CA ILE D 148 -11.76 -7.25 -12.76
C ILE D 148 -12.41 -6.30 -11.75
N VAL D 149 -13.59 -6.63 -11.26
CA VAL D 149 -14.25 -5.81 -10.25
C VAL D 149 -14.04 -6.36 -8.87
N SER D 150 -13.27 -5.62 -8.06
CA SER D 150 -13.03 -5.98 -6.68
C SER D 150 -13.89 -5.09 -5.77
N SER D 151 -13.30 -4.46 -4.78
CA SER D 151 -14.04 -3.66 -3.79
C SER D 151 -13.03 -2.91 -2.93
N VAL D 152 -13.41 -1.74 -2.43
CA VAL D 152 -12.59 -1.05 -1.46
C VAL D 152 -12.42 -1.91 -0.18
N GLY D 153 -13.37 -2.82 0.08
CA GLY D 153 -13.26 -3.77 1.17
C GLY D 153 -12.04 -4.67 1.08
N ALA D 154 -11.44 -4.75 -0.10
CA ALA D 154 -10.14 -5.44 -0.25
C ALA D 154 -9.02 -4.81 0.56
N TYR D 155 -9.13 -3.49 0.77
CA TYR D 155 -8.14 -2.70 1.51
C TYR D 155 -8.61 -2.45 2.96
N HIS D 156 -9.90 -2.14 3.13
CA HIS D 156 -10.49 -1.78 4.43
C HIS D 156 -11.75 -2.56 4.59
N PRO D 157 -11.73 -3.64 5.34
CA PRO D 157 -12.85 -4.60 5.30
C PRO D 157 -14.19 -4.04 5.78
N PHE D 158 -15.29 -4.30 5.06
CA PHE D 158 -16.66 -4.00 5.55
C PHE D 158 -17.02 -4.89 6.78
N PRO D 159 -17.74 -4.37 7.77
CA PRO D 159 -18.14 -5.17 8.93
C PRO D 159 -19.08 -6.32 8.52
N ASN D 160 -18.88 -7.53 9.07
CA ASN D 160 -19.73 -8.70 8.77
C ASN D 160 -19.56 -9.27 7.37
N LEU D 161 -18.57 -8.77 6.63
CA LEU D 161 -18.35 -9.20 5.25
C LEU D 161 -16.97 -9.86 5.09
N GLY D 162 -16.45 -10.50 6.13
CA GLY D 162 -15.09 -11.01 6.13
C GLY D 162 -14.72 -11.92 4.98
N PRO D 163 -15.39 -13.03 4.79
CA PRO D 163 -15.02 -13.95 3.72
C PRO D 163 -15.07 -13.31 2.34
N TYR D 164 -16.12 -12.53 2.07
CA TYR D 164 -16.20 -11.75 0.85
C TYR D 164 -15.03 -10.78 0.72
N ASN D 165 -14.74 -10.04 1.78
CA ASN D 165 -13.63 -9.04 1.75
C ASN D 165 -12.32 -9.77 1.38
N VAL D 166 -12.08 -10.94 1.98
CA VAL D 166 -10.86 -11.70 1.68
C VAL D 166 -10.78 -12.08 0.21
N SER D 167 -11.89 -12.48 -0.38
CA SER D 167 -11.93 -12.81 -1.81
C SER D 167 -11.59 -11.60 -2.65
N LYS D 168 -12.03 -10.43 -2.21
CA LYS D 168 -11.75 -9.17 -2.90
C LYS D 168 -10.28 -8.80 -2.81
N THR D 169 -9.64 -9.06 -1.67
CA THR D 169 -8.20 -8.84 -1.59
C THR D 169 -7.47 -9.78 -2.53
N ALA D 170 -7.89 -11.03 -2.59
CA ALA D 170 -7.29 -12.00 -3.53
C ALA D 170 -7.34 -11.48 -4.96
N LEU D 171 -8.42 -10.80 -5.34
CA LEU D 171 -8.52 -10.22 -6.68
C LEU D 171 -7.50 -9.12 -6.99
N LEU D 172 -7.08 -8.37 -5.97
CA LEU D 172 -5.99 -7.43 -6.18
C LEU D 172 -4.76 -8.18 -6.66
N GLY D 173 -4.43 -9.28 -5.98
CA GLY D 173 -3.30 -10.12 -6.33
C GLY D 173 -3.47 -10.76 -7.70
N LEU D 174 -4.68 -11.21 -8.00
CA LEU D 174 -4.98 -11.81 -9.29
C LEU D 174 -4.76 -10.80 -10.40
N THR D 175 -5.20 -9.58 -10.21
CA THR D 175 -4.97 -8.52 -11.19
C THR D 175 -3.50 -8.34 -11.48
N LYS D 176 -2.71 -8.19 -10.45
CA LYS D 176 -1.29 -7.99 -10.60
C LYS D 176 -0.61 -9.16 -11.31
N ASN D 177 -0.94 -10.37 -10.92
CA ASN D 177 -0.33 -11.53 -11.53
C ASN D 177 -0.74 -11.70 -12.98
N LEU D 178 -2.01 -11.49 -13.28
CA LEU D 178 -2.45 -11.57 -14.68
C LEU D 178 -1.83 -10.46 -15.53
N ALA D 179 -1.68 -9.26 -14.99
CA ALA D 179 -1.11 -8.18 -15.78
C ALA D 179 0.33 -8.50 -16.17
N VAL D 180 1.11 -9.06 -15.25
CA VAL D 180 2.51 -9.42 -15.55
C VAL D 180 2.54 -10.57 -16.57
N GLU D 181 1.72 -11.57 -16.34
CA GLU D 181 1.85 -12.78 -17.13
C GLU D 181 1.21 -12.70 -18.50
N LEU D 182 0.26 -11.79 -18.69
CA LEU D 182 -0.38 -11.59 -19.99
C LEU D 182 0.18 -10.41 -20.79
N ALA D 183 1.09 -9.62 -20.23
CA ALA D 183 1.72 -8.52 -20.98
C ALA D 183 2.37 -8.96 -22.30
N PRO D 184 3.06 -10.10 -22.33
CA PRO D 184 3.65 -10.53 -23.62
C PRO D 184 2.64 -10.78 -24.73
N ARG D 185 1.39 -11.06 -24.39
CA ARG D 185 0.29 -11.18 -25.33
C ARG D 185 -0.42 -9.86 -25.64
N ASN D 186 0.10 -8.74 -25.13
CA ASN D 186 -0.50 -7.43 -25.30
C ASN D 186 -1.93 -7.37 -24.73
N ILE D 187 -2.12 -8.07 -23.61
CA ILE D 187 -3.39 -8.03 -22.90
C ILE D 187 -3.13 -7.27 -21.60
N ARG D 188 -3.85 -6.16 -21.40
CA ARG D 188 -3.80 -5.38 -20.17
C ARG D 188 -4.82 -5.88 -19.20
N VAL D 189 -4.50 -5.81 -17.91
CA VAL D 189 -5.41 -6.28 -16.85
C VAL D 189 -5.40 -5.29 -15.72
N ASN D 190 -6.57 -4.75 -15.41
CA ASN D 190 -6.76 -3.73 -14.39
C ASN D 190 -7.93 -4.09 -13.55
N CYS D 191 -8.17 -3.32 -12.50
CA CYS D 191 -9.19 -3.64 -11.51
C CYS D 191 -9.91 -2.35 -11.09
N LEU D 192 -11.22 -2.49 -10.91
CA LEU D 192 -12.08 -1.46 -10.36
C LEU D 192 -12.44 -1.87 -8.96
N ALA D 193 -12.24 -0.97 -7.99
CA ALA D 193 -12.60 -1.22 -6.58
C ALA D 193 -13.62 -0.20 -6.13
N PRO D 194 -14.90 -0.51 -6.27
CA PRO D 194 -15.93 0.43 -5.83
C PRO D 194 -16.01 0.55 -4.34
N GLY D 195 -16.40 1.74 -3.91
CA GLY D 195 -16.73 1.98 -2.51
C GLY D 195 -18.17 1.59 -2.26
N LEU D 196 -18.89 2.40 -1.48
CA LEU D 196 -20.27 2.10 -1.17
C LEU D 196 -21.16 2.64 -2.29
N ILE D 197 -21.59 1.73 -3.15
CA ILE D 197 -22.42 2.03 -4.29
C ILE D 197 -23.82 1.50 -4.00
N LYS D 198 -24.83 2.30 -4.32
CA LYS D 198 -26.23 1.89 -4.10
C LYS D 198 -26.64 0.85 -5.12
N THR D 199 -26.75 -0.39 -4.67
CA THR D 199 -27.22 -1.52 -5.48
C THR D 199 -27.99 -2.47 -4.60
N ASN D 200 -28.67 -3.44 -5.23
CA ASN D 200 -29.39 -4.47 -4.51
C ASN D 200 -28.44 -5.28 -3.62
N PHE D 201 -27.23 -5.55 -4.14
CA PHE D 201 -26.24 -6.37 -3.43
C PHE D 201 -25.85 -5.74 -2.11
N SER D 202 -25.75 -4.41 -2.09
CA SER D 202 -25.27 -3.67 -0.92
C SER D 202 -26.37 -3.10 -0.04
N GLN D 203 -27.62 -3.43 -0.36
CA GLN D 203 -28.82 -2.82 0.23
C GLN D 203 -28.87 -2.80 1.76
N VAL D 204 -28.43 -3.88 2.39
CA VAL D 204 -28.51 -4.00 3.85
C VAL D 204 -27.60 -2.98 4.54
N LEU D 205 -26.58 -2.52 3.84
CA LEU D 205 -25.61 -1.59 4.40
C LEU D 205 -26.11 -0.14 4.44
N TRP D 206 -27.02 0.23 3.53
CA TRP D 206 -27.49 1.63 3.38
C TRP D 206 -29.03 1.79 3.39
N MET D 207 -29.73 0.70 3.71
CA MET D 207 -31.20 0.62 3.65
C MET D 207 -31.96 1.61 4.54
N ASP D 208 -31.84 1.47 5.86
CA ASP D 208 -32.57 2.34 6.77
C ASP D 208 -31.72 3.59 6.96
N LYS D 209 -32.38 4.73 7.17
CA LYS D 209 -31.72 6.04 7.22
C LYS D 209 -30.63 6.12 8.29
N ALA D 210 -30.84 5.47 9.42
CA ALA D 210 -29.87 5.48 10.52
C ALA D 210 -28.57 4.78 10.13
N ARG D 211 -28.67 3.62 9.48
CA ARG D 211 -27.48 2.87 9.07
C ARG D 211 -26.76 3.60 7.94
N LYS D 212 -27.51 4.28 7.07
CA LYS D 212 -26.93 5.05 5.97
C LYS D 212 -26.09 6.22 6.49
N GLU D 213 -26.60 6.92 7.49
CA GLU D 213 -25.88 8.02 8.11
C GLU D 213 -24.66 7.52 8.87
N TYR D 214 -24.77 6.35 9.50
CA TYR D 214 -23.64 5.73 10.18
C TYR D 214 -22.56 5.30 9.18
N MET D 215 -22.97 4.86 7.99
CA MET D 215 -22.01 4.42 6.99
C MET D 215 -21.31 5.62 6.38
N LYS D 216 -22.04 6.71 6.14
CA LYS D 216 -21.44 7.91 5.55
C LYS D 216 -20.41 8.54 6.51
N GLU D 217 -20.70 8.54 7.80
CA GLU D 217 -19.74 9.03 8.81
C GLU D 217 -18.53 8.11 8.97
N SER D 218 -18.79 6.81 9.06
CA SER D 218 -17.74 5.81 9.27
C SER D 218 -16.81 5.74 8.06
N LEU D 219 -17.37 5.91 6.87
CA LEU D 219 -16.60 5.85 5.61
C LEU D 219 -16.05 7.23 5.20
N ARG D 220 -16.52 8.29 5.85
CA ARG D 220 -16.09 9.67 5.55
C ARG D 220 -16.40 10.11 4.11
N ILE D 221 -17.64 9.90 3.69
CA ILE D 221 -18.13 10.25 2.37
C ILE D 221 -19.32 11.21 2.42
N ARG D 222 -19.46 12.03 1.38
CA ARG D 222 -20.58 13.00 1.28
C ARG D 222 -21.87 12.44 0.70
N ARG D 223 -21.75 11.40 -0.13
CA ARG D 223 -22.89 10.73 -0.71
C ARG D 223 -22.49 9.31 -1.00
N LEU D 224 -23.49 8.47 -1.16
CA LEU D 224 -23.29 7.14 -1.69
C LEU D 224 -23.06 7.24 -3.19
N GLY D 225 -22.34 6.27 -3.70
CA GLY D 225 -22.16 6.19 -5.14
C GLY D 225 -23.36 5.58 -5.83
N ASN D 226 -23.40 5.80 -7.15
CA ASN D 226 -24.36 5.15 -8.04
C ASN D 226 -23.58 4.26 -9.01
N PRO D 227 -24.22 3.24 -9.56
CA PRO D 227 -23.56 2.39 -10.55
C PRO D 227 -22.88 3.16 -11.68
N GLU D 228 -23.49 4.21 -12.19
CA GLU D 228 -22.91 4.94 -13.31
C GLU D 228 -21.61 5.64 -12.94
N ASP D 229 -21.38 5.88 -11.63
CA ASP D 229 -20.12 6.49 -11.18
C ASP D 229 -18.91 5.62 -11.48
N CYS D 230 -19.14 4.34 -11.73
CA CYS D 230 -18.10 3.36 -12.02
C CYS D 230 -17.84 3.16 -13.50
N ALA D 231 -18.76 3.60 -14.34
CA ALA D 231 -18.77 3.21 -15.75
C ALA D 231 -17.69 3.89 -16.58
N GLY D 232 -17.46 5.16 -16.34
CA GLY D 232 -16.52 5.94 -17.12
C GLY D 232 -15.09 5.42 -17.01
N ILE D 233 -14.65 5.11 -15.80
CA ILE D 233 -13.27 4.68 -15.62
C ILE D 233 -13.10 3.34 -16.30
N VAL D 234 -14.11 2.46 -16.22
CA VAL D 234 -14.01 1.17 -16.87
C VAL D 234 -13.92 1.33 -18.37
N SER D 235 -14.75 2.16 -18.97
CA SER D 235 -14.68 2.36 -20.41
C SER D 235 -13.32 2.91 -20.82
N PHE D 236 -12.80 3.84 -20.03
CA PHE D 236 -11.49 4.41 -20.32
C PHE D 236 -10.41 3.33 -20.26
N LEU D 237 -10.39 2.55 -19.19
CA LEU D 237 -9.34 1.54 -19.03
C LEU D 237 -9.40 0.49 -20.12
N CYS D 238 -10.55 0.29 -20.72
CA CYS D 238 -10.74 -0.74 -21.76
C CYS D 238 -10.42 -0.18 -23.14
N SER D 239 -10.08 1.10 -23.22
CA SER D 239 -9.77 1.78 -24.46
C SER D 239 -8.28 1.80 -24.75
N GLU D 240 -7.96 2.03 -26.02
CA GLU D 240 -6.56 2.07 -26.42
C GLU D 240 -5.86 3.32 -25.87
N ASP D 241 -6.61 4.32 -25.43
CA ASP D 241 -6.04 5.48 -24.79
C ASP D 241 -5.40 5.17 -23.42
N ALA D 242 -5.71 4.00 -22.90
CA ALA D 242 -5.15 3.52 -21.64
C ALA D 242 -4.08 2.46 -21.89
N SER D 243 -3.42 2.52 -23.05
CA SER D 243 -2.49 1.47 -23.42
C SER D 243 -1.26 1.33 -22.54
N TYR D 244 -0.90 2.32 -21.76
CA TYR D 244 0.23 2.25 -20.83
C TYR D 244 -0.22 2.05 -19.40
N ILE D 245 -1.46 1.63 -19.22
CA ILE D 245 -2.00 1.33 -17.89
C ILE D 245 -2.35 -0.14 -17.79
N THR D 246 -1.61 -0.87 -16.98
CA THR D 246 -1.88 -2.27 -16.68
C THR D 246 -1.46 -2.57 -15.25
N GLY D 247 -2.13 -3.55 -14.65
CA GLY D 247 -1.85 -3.94 -13.28
C GLY D 247 -2.31 -2.93 -12.27
N GLU D 248 -3.23 -2.06 -12.61
CA GLU D 248 -3.66 -0.94 -11.76
C GLU D 248 -5.06 -1.19 -11.22
N THR D 249 -5.27 -0.85 -9.96
CA THR D 249 -6.58 -0.84 -9.34
C THR D 249 -6.96 0.63 -9.16
N VAL D 250 -8.14 0.98 -9.59
CA VAL D 250 -8.72 2.30 -9.39
C VAL D 250 -9.90 2.20 -8.45
N VAL D 251 -9.83 2.92 -7.33
CA VAL D 251 -10.89 2.99 -6.34
C VAL D 251 -11.87 4.09 -6.76
N VAL D 252 -13.16 3.74 -6.74
CA VAL D 252 -14.23 4.69 -7.04
C VAL D 252 -15.08 4.73 -5.76
N GLY D 253 -14.66 5.59 -4.86
CA GLY D 253 -15.18 5.53 -3.50
C GLY D 253 -15.55 6.83 -2.87
N GLY D 254 -15.52 7.92 -3.63
CA GLY D 254 -16.01 9.19 -3.10
C GLY D 254 -15.18 9.76 -1.97
N GLY D 255 -13.93 9.31 -1.86
CA GLY D 255 -12.98 9.76 -0.86
C GLY D 255 -12.91 8.86 0.36
N THR D 256 -13.66 7.76 0.38
CA THR D 256 -13.44 6.78 1.42
C THR D 256 -12.01 6.24 1.37
N ALA D 257 -11.52 5.86 2.54
CA ALA D 257 -10.13 5.44 2.67
C ALA D 257 -9.86 4.21 1.83
N SER D 258 -8.67 4.16 1.26
CA SER D 258 -8.25 2.97 0.53
C SER D 258 -6.78 2.71 0.80
N ARG D 259 -5.89 3.34 0.05
CA ARG D 259 -4.45 3.17 0.22
C ARG D 259 -3.66 4.27 -0.47
N LEU D 260 -2.41 4.49 -0.07
CA LEU D 260 -1.56 5.47 -0.75
C LEU D 260 -1.32 5.13 -2.22
#